data_2V5R
#
_entry.id   2V5R
#
_cell.length_a   277.781
_cell.length_b   70.548
_cell.length_c   72.771
_cell.angle_alpha   90.00
_cell.angle_beta   105.13
_cell.angle_gamma   90.00
#
_symmetry.space_group_name_H-M   'C 1 2 1'
#
loop_
_entity.id
_entity.type
_entity.pdbx_description
1 polymer DSCAM
2 non-polymer 2-acetamido-2-deoxy-beta-D-glucopyranose
3 non-polymer GLYCEROL
#
_entity_poly.entity_id   1
_entity_poly.type   'polypeptide(L)'
_entity_poly.pdbx_seq_one_letter_code
;QKGPVFLKEPTNRIDFSNSTGAEIECKASGNPMPEIIWIRSDGTAVGDVPGLRQISSDGKLVFPPFRAEDYRQEVHAQVY
ACLARNQFGSIISRDVHVRAVVIQSYESEADNEYVIRGNSVVMKCEIPSYVADFVFVDLWLDSEGRNYYPNNAAETDGKY
LVLPSGELHIREVGPEDGYKSYQCRTKHRLTGETRLSATKGRLVITEPVGSVRPKVNPQDKHQFIDVELASSYSLLCMAQ
SYPTPSFRWYKFIEGTTRKQAVVLNDRVKQVSGTLIIKDAVVEDSGKYLCVVNNSVGGESVETVLTVTAPLSAKIDPPTQ
TVDFGRPAVFTCQYTGNPIKTVSWMKDGKAIGHSESVLRIESVKKEDKGMYQCFVRNDRESAEASAELKLG
;
_entity_poly.pdbx_strand_id   A,B
#
loop_
_chem_comp.id
_chem_comp.type
_chem_comp.name
_chem_comp.formula
GOL non-polymer GLYCEROL 'C3 H8 O3'
NAG D-saccharide, beta linking 2-acetamido-2-deoxy-beta-D-glucopyranose 'C8 H15 N O6'
#
# COMPACT_ATOMS: atom_id res chain seq x y z
N GLN A 1 7.57 -48.59 -27.60
CA GLN A 1 6.91 -47.62 -28.49
C GLN A 1 6.83 -46.24 -27.83
N LYS A 2 6.17 -46.20 -26.68
CA LYS A 2 6.00 -44.97 -25.94
C LYS A 2 6.89 -44.91 -24.71
N GLY A 3 7.29 -43.70 -24.37
CA GLY A 3 7.67 -43.41 -23.01
C GLY A 3 6.36 -43.02 -22.36
N PRO A 4 6.42 -42.40 -21.18
CA PRO A 4 5.16 -41.94 -20.57
C PRO A 4 4.48 -40.88 -21.44
N VAL A 5 3.55 -40.14 -20.85
CA VAL A 5 2.83 -39.02 -21.48
C VAL A 5 1.41 -38.93 -20.93
N PHE A 6 0.89 -37.71 -20.80
CA PHE A 6 -0.39 -37.47 -20.11
C PHE A 6 -1.64 -37.44 -20.99
N LEU A 7 -2.57 -38.36 -20.71
CA LEU A 7 -3.87 -38.32 -21.38
C LEU A 7 -4.87 -37.64 -20.45
N LYS A 8 -5.21 -38.30 -19.35
CA LYS A 8 -6.07 -37.69 -18.34
C LYS A 8 -5.21 -36.97 -17.29
N GLU A 9 -5.09 -35.64 -17.43
CA GLU A 9 -4.31 -34.80 -16.51
C GLU A 9 -5.25 -33.88 -15.70
N PRO A 10 -4.86 -33.53 -14.45
CA PRO A 10 -5.77 -32.91 -13.49
C PRO A 10 -5.81 -31.39 -13.57
N THR A 11 -6.91 -30.83 -14.07
CA THR A 11 -7.08 -29.38 -14.16
C THR A 11 -6.74 -28.71 -12.83
N ASN A 12 -5.89 -27.69 -12.90
CA ASN A 12 -5.10 -27.25 -11.76
C ASN A 12 -5.81 -27.21 -10.42
N ARG A 13 -6.55 -26.12 -10.18
CA ARG A 13 -7.25 -25.93 -8.91
C ARG A 13 -8.45 -26.87 -8.82
N ILE A 14 -8.57 -27.55 -7.71
CA ILE A 14 -9.70 -28.44 -7.45
C ILE A 14 -10.18 -28.40 -6.01
N ASP A 15 -11.42 -27.96 -5.87
CA ASP A 15 -11.95 -27.56 -4.58
C ASP A 15 -13.25 -28.29 -4.22
N PHE A 16 -13.51 -28.35 -2.93
CA PHE A 16 -14.49 -29.27 -2.36
C PHE A 16 -14.50 -29.07 -0.86
N SER A 17 -15.19 -29.95 -0.14
CA SER A 17 -15.37 -29.75 1.29
C SER A 17 -15.94 -30.95 2.02
N ASN A 18 -15.80 -30.95 3.34
CA ASN A 18 -16.56 -31.83 4.18
C ASN A 18 -17.98 -31.80 3.68
N SER A 19 -18.74 -32.84 3.96
CA SER A 19 -20.11 -32.94 3.44
C SER A 19 -20.15 -33.13 1.93
N THR A 20 -19.00 -33.41 1.31
CA THR A 20 -18.99 -33.72 -0.10
C THR A 20 -17.65 -34.29 -0.52
N GLY A 21 -16.58 -33.71 0.01
CA GLY A 21 -15.24 -34.17 -0.28
C GLY A 21 -14.93 -34.26 -1.76
N ALA A 22 -13.89 -35.01 -2.09
CA ALA A 22 -13.46 -35.19 -3.48
C ALA A 22 -12.52 -36.39 -3.67
N GLU A 23 -11.90 -36.46 -4.85
CA GLU A 23 -10.92 -37.48 -5.19
C GLU A 23 -10.39 -37.14 -6.57
N ILE A 24 -9.12 -37.43 -6.83
CA ILE A 24 -8.45 -36.85 -8.00
C ILE A 24 -7.94 -37.85 -9.07
N GLU A 25 -8.48 -37.72 -10.27
CA GLU A 25 -8.22 -38.66 -11.37
C GLU A 25 -6.98 -38.34 -12.23
N CYS A 26 -5.91 -39.08 -12.03
CA CYS A 26 -4.76 -39.01 -12.93
C CYS A 26 -4.43 -40.41 -13.44
N LYS A 27 -4.57 -40.59 -14.75
CA LYS A 27 -4.16 -41.83 -15.41
C LYS A 27 -3.20 -41.47 -16.55
N ALA A 28 -2.16 -42.27 -16.72
CA ALA A 28 -1.14 -41.96 -17.73
C ALA A 28 -1.06 -43.00 -18.85
N SER A 29 -0.26 -42.68 -19.86
CA SER A 29 -0.17 -43.48 -21.08
C SER A 29 1.26 -43.85 -21.43
N GLY A 30 1.41 -44.96 -22.14
CA GLY A 30 2.71 -45.44 -22.57
C GLY A 30 2.47 -46.84 -23.05
N ASN A 31 3.49 -47.55 -23.50
CA ASN A 31 3.26 -48.96 -23.82
C ASN A 31 4.22 -49.99 -23.22
N PRO A 32 4.96 -49.61 -22.18
CA PRO A 32 4.92 -50.58 -21.09
C PRO A 32 3.57 -50.30 -20.43
N MET A 33 3.56 -49.41 -19.45
CA MET A 33 2.35 -48.81 -18.90
C MET A 33 2.70 -48.08 -17.61
N PRO A 34 2.76 -46.75 -17.68
CA PRO A 34 3.08 -45.78 -16.62
C PRO A 34 2.35 -46.02 -15.28
N GLU A 35 3.14 -46.18 -14.22
CA GLU A 35 2.63 -46.37 -12.87
C GLU A 35 2.32 -45.05 -12.19
N ILE A 36 1.04 -44.72 -12.02
CA ILE A 36 0.69 -43.46 -11.37
C ILE A 36 0.93 -43.46 -9.85
N ILE A 37 2.00 -42.78 -9.45
CA ILE A 37 2.18 -42.43 -8.05
C ILE A 37 1.52 -41.09 -7.85
N TRP A 38 1.11 -40.81 -6.61
CA TRP A 38 0.72 -39.46 -6.25
C TRP A 38 1.74 -38.95 -5.24
N ILE A 39 2.21 -37.72 -5.46
CA ILE A 39 3.27 -37.15 -4.64
C ILE A 39 2.87 -35.74 -4.28
N ARG A 40 3.63 -35.13 -3.37
CA ARG A 40 3.61 -33.69 -3.23
C ARG A 40 4.52 -33.18 -4.33
N SER A 41 4.27 -31.98 -4.84
CA SER A 41 5.11 -31.44 -5.91
C SER A 41 6.54 -31.20 -5.42
N ASP A 42 6.76 -31.44 -4.14
CA ASP A 42 8.09 -31.35 -3.55
C ASP A 42 8.80 -32.71 -3.53
N GLY A 43 8.69 -33.45 -4.64
CA GLY A 43 9.37 -34.71 -4.81
C GLY A 43 8.70 -35.90 -4.12
N THR A 44 8.57 -35.80 -2.80
CA THR A 44 8.07 -36.90 -1.97
C THR A 44 6.61 -37.31 -2.25
N ALA A 45 6.39 -38.60 -2.39
CA ALA A 45 5.05 -39.13 -2.64
C ALA A 45 4.19 -39.06 -1.37
N VAL A 46 2.89 -39.25 -1.56
CA VAL A 46 1.94 -39.12 -0.46
C VAL A 46 1.54 -40.49 0.09
N GLY A 47 1.32 -40.52 1.39
CA GLY A 47 0.91 -41.74 2.08
C GLY A 47 -0.59 -41.84 2.25
N ASP A 48 -1.01 -42.32 3.42
CA ASP A 48 -2.41 -42.61 3.66
C ASP A 48 -2.82 -42.14 5.05
N VAL A 49 -3.68 -41.13 5.11
CA VAL A 49 -4.19 -40.61 6.38
C VAL A 49 -5.59 -41.17 6.67
N PRO A 50 -5.67 -42.06 7.66
CA PRO A 50 -6.95 -42.65 8.06
C PRO A 50 -8.01 -41.58 8.30
N GLY A 51 -9.04 -41.55 7.46
CA GLY A 51 -10.18 -40.69 7.69
C GLY A 51 -10.26 -39.50 6.76
N LEU A 52 -9.24 -39.35 5.93
CA LEU A 52 -9.13 -38.27 4.96
C LEU A 52 -8.40 -38.74 3.71
N ARG A 53 -7.16 -38.29 3.53
CA ARG A 53 -6.37 -38.65 2.35
C ARG A 53 -6.09 -40.17 2.29
N GLN A 54 -6.34 -40.78 1.14
CA GLN A 54 -6.16 -42.23 1.00
C GLN A 54 -5.99 -42.64 -0.46
N ILE A 55 -4.94 -43.40 -0.74
CA ILE A 55 -4.67 -43.85 -2.10
C ILE A 55 -5.69 -44.88 -2.54
N SER A 56 -6.60 -44.46 -3.40
CA SER A 56 -7.55 -45.37 -4.02
C SER A 56 -6.83 -46.32 -4.97
N SER A 57 -7.53 -46.76 -6.01
CA SER A 57 -6.96 -47.65 -7.00
C SER A 57 -7.16 -47.07 -8.39
N ASP A 58 -8.40 -47.13 -8.86
CA ASP A 58 -8.78 -46.78 -10.23
C ASP A 58 -8.41 -45.34 -10.61
N GLY A 59 -7.12 -45.06 -10.72
CA GLY A 59 -6.62 -43.77 -11.16
C GLY A 59 -7.15 -42.55 -10.42
N LYS A 60 -7.05 -42.55 -9.09
CA LYS A 60 -7.48 -41.40 -8.29
C LYS A 60 -7.06 -41.48 -6.81
N LEU A 61 -7.34 -40.40 -6.08
CA LEU A 61 -6.89 -40.22 -4.70
C LEU A 61 -8.01 -39.58 -3.89
N VAL A 62 -8.69 -40.36 -3.06
CA VAL A 62 -9.94 -39.91 -2.46
C VAL A 62 -9.82 -39.21 -1.11
N PHE A 63 -10.42 -38.01 -1.03
CA PHE A 63 -10.51 -37.19 0.18
C PHE A 63 -11.91 -37.29 0.79
N PRO A 64 -12.16 -38.32 1.61
CA PRO A 64 -13.43 -38.56 2.31
C PRO A 64 -14.08 -37.29 2.88
N PRO A 65 -15.40 -37.24 2.83
CA PRO A 65 -16.09 -36.18 3.55
C PRO A 65 -15.62 -36.31 4.99
N PHE A 66 -15.31 -35.22 5.67
CA PHE A 66 -14.66 -35.38 6.97
C PHE A 66 -15.31 -34.58 8.08
N ARG A 67 -15.36 -35.15 9.27
CA ARG A 67 -15.75 -34.41 10.46
C ARG A 67 -15.01 -33.08 10.40
N ALA A 68 -15.72 -31.99 10.67
CA ALA A 68 -15.13 -30.66 10.61
C ALA A 68 -13.89 -30.47 11.50
N GLU A 69 -13.59 -31.48 12.33
CA GLU A 69 -12.43 -31.44 13.21
C GLU A 69 -11.34 -32.39 12.70
N ASP A 70 -11.59 -33.01 11.55
CA ASP A 70 -10.60 -33.85 10.90
C ASP A 70 -9.92 -33.08 9.78
N TYR A 71 -10.17 -31.77 9.72
CA TYR A 71 -9.42 -30.93 8.80
C TYR A 71 -8.05 -30.74 9.41
N ARG A 72 -7.03 -30.96 8.59
CA ARG A 72 -5.67 -30.62 8.96
C ARG A 72 -4.98 -30.20 7.67
N GLN A 73 -4.40 -29.01 7.67
CA GLN A 73 -3.91 -28.40 6.45
C GLN A 73 -2.87 -29.24 5.71
N GLU A 74 -2.09 -30.01 6.46
CA GLU A 74 -1.07 -30.89 5.90
C GLU A 74 -1.66 -31.86 4.87
N VAL A 75 -2.97 -32.00 4.90
CA VAL A 75 -3.69 -32.90 4.02
C VAL A 75 -4.60 -32.12 3.10
N HIS A 76 -5.45 -31.30 3.73
CA HIS A 76 -6.58 -30.68 3.04
C HIS A 76 -6.24 -29.39 2.31
N ALA A 77 -4.97 -28.97 2.38
CA ALA A 77 -4.55 -27.72 1.72
C ALA A 77 -3.10 -27.77 1.23
N GLN A 78 -2.86 -28.55 0.17
CA GLN A 78 -1.52 -28.82 -0.34
C GLN A 78 -1.52 -28.93 -1.85
N VAL A 79 -0.32 -28.95 -2.43
CA VAL A 79 -0.16 -29.20 -3.85
C VAL A 79 0.28 -30.65 -4.10
N TYR A 80 -0.52 -31.37 -4.88
CA TYR A 80 -0.22 -32.76 -5.18
C TYR A 80 0.24 -32.91 -6.63
N ALA A 81 0.74 -34.09 -6.95
CA ALA A 81 1.33 -34.32 -8.26
C ALA A 81 1.32 -35.79 -8.64
N CYS A 82 0.47 -36.13 -9.60
CA CYS A 82 0.51 -37.44 -10.20
C CYS A 82 1.90 -37.70 -10.72
N LEU A 83 2.58 -38.67 -10.14
CA LEU A 83 3.86 -39.11 -10.68
C LEU A 83 3.58 -40.16 -11.76
N ALA A 84 4.20 -40.00 -12.92
CA ALA A 84 4.00 -40.93 -14.03
C ALA A 84 5.32 -41.51 -14.56
N ARG A 85 5.69 -42.68 -14.04
CA ARG A 85 6.97 -43.29 -14.31
C ARG A 85 6.86 -44.66 -14.96
N ASN A 86 7.78 -44.96 -15.89
CA ASN A 86 7.93 -46.32 -16.38
C ASN A 86 9.40 -46.74 -16.32
N GLN A 87 9.83 -47.56 -17.27
CA GLN A 87 11.21 -47.97 -17.34
C GLN A 87 12.05 -46.97 -18.14
N PHE A 88 11.38 -46.06 -18.84
CA PHE A 88 12.08 -45.05 -19.66
C PHE A 88 12.24 -43.72 -18.96
N GLY A 89 11.69 -43.61 -17.75
CA GLY A 89 11.78 -42.38 -16.99
C GLY A 89 10.44 -41.98 -16.41
N SER A 90 10.42 -40.84 -15.71
CA SER A 90 9.21 -40.37 -15.04
C SER A 90 8.82 -38.97 -15.49
N ILE A 91 7.53 -38.66 -15.38
CA ILE A 91 7.02 -37.30 -15.59
C ILE A 91 6.12 -36.88 -14.42
N ILE A 92 6.01 -35.57 -14.19
CA ILE A 92 5.20 -35.06 -13.07
C ILE A 92 4.03 -34.24 -13.60
N SER A 93 2.81 -34.62 -13.22
CA SER A 93 1.62 -33.85 -13.60
C SER A 93 1.69 -32.48 -12.94
N ARG A 94 1.20 -31.46 -13.64
CA ARG A 94 1.22 -30.09 -13.12
C ARG A 94 0.61 -29.94 -11.73
N ASP A 95 0.96 -28.84 -11.07
CA ASP A 95 0.42 -28.49 -9.76
C ASP A 95 -1.09 -28.69 -9.73
N VAL A 96 -1.54 -29.56 -8.84
CA VAL A 96 -2.97 -29.71 -8.60
C VAL A 96 -3.31 -29.37 -7.15
N HIS A 97 -4.05 -28.29 -6.98
CA HIS A 97 -4.34 -27.74 -5.66
C HIS A 97 -5.54 -28.42 -5.00
N VAL A 98 -5.28 -29.17 -3.94
CA VAL A 98 -6.33 -29.72 -3.11
C VAL A 98 -6.77 -28.62 -2.16
N ARG A 99 -8.07 -28.32 -2.15
CA ARG A 99 -8.60 -27.36 -1.20
C ARG A 99 -9.93 -27.85 -0.62
N ALA A 100 -9.81 -28.63 0.45
CA ALA A 100 -10.94 -29.05 1.23
C ALA A 100 -11.31 -27.87 2.11
N VAL A 101 -12.61 -27.64 2.29
CA VAL A 101 -13.08 -26.50 3.04
C VAL A 101 -14.19 -26.90 3.98
N VAL A 102 -14.08 -26.44 5.22
CA VAL A 102 -15.14 -26.63 6.20
C VAL A 102 -16.30 -25.69 5.94
N ILE A 103 -17.42 -26.24 5.48
CA ILE A 103 -18.61 -25.46 5.29
C ILE A 103 -18.78 -24.68 6.59
N GLN A 104 -19.05 -23.38 6.47
CA GLN A 104 -19.20 -22.59 7.66
C GLN A 104 -20.25 -21.51 7.45
N SER A 105 -20.79 -21.02 8.56
CA SER A 105 -21.87 -20.05 8.50
C SER A 105 -21.46 -18.76 7.79
N TYR A 106 -21.84 -18.65 6.53
CA TYR A 106 -21.56 -17.44 5.77
C TYR A 106 -22.83 -16.62 5.56
N GLU A 107 -22.64 -15.33 5.28
CA GLU A 107 -23.73 -14.47 4.79
C GLU A 107 -23.22 -13.09 4.36
N SER A 108 -23.70 -12.65 3.19
CA SER A 108 -23.28 -11.37 2.61
C SER A 108 -24.15 -10.20 3.08
N GLU A 109 -23.61 -9.00 3.02
CA GLU A 109 -24.39 -7.85 3.41
C GLU A 109 -24.46 -6.82 2.31
N ALA A 110 -25.48 -5.98 2.37
CA ALA A 110 -25.68 -4.92 1.43
C ALA A 110 -25.74 -3.66 2.25
N ASP A 111 -24.75 -2.78 2.08
CA ASP A 111 -24.61 -1.58 2.90
C ASP A 111 -25.41 -0.45 2.29
N ASN A 112 -25.46 0.67 2.99
CA ASN A 112 -25.96 1.88 2.37
C ASN A 112 -24.82 2.50 1.63
N GLU A 113 -25.13 3.09 0.48
CA GLU A 113 -24.19 3.94 -0.19
C GLU A 113 -24.69 5.34 0.07
N TYR A 114 -23.77 6.23 0.45
CA TYR A 114 -24.11 7.62 0.72
C TYR A 114 -23.73 8.43 -0.51
N VAL A 115 -24.71 9.12 -1.09
CA VAL A 115 -24.48 9.77 -2.37
C VAL A 115 -24.89 11.23 -2.43
N ILE A 116 -24.09 12.04 -3.10
CA ILE A 116 -24.47 13.42 -3.40
C ILE A 116 -25.52 13.47 -4.51
N ARG A 117 -26.73 13.89 -4.17
CA ARG A 117 -27.83 13.99 -5.13
C ARG A 117 -27.34 14.26 -6.55
N GLY A 118 -27.73 13.39 -7.48
CA GLY A 118 -27.31 13.52 -8.87
C GLY A 118 -26.16 12.63 -9.34
N ASN A 119 -25.26 12.30 -8.43
CA ASN A 119 -24.18 11.40 -8.75
C ASN A 119 -24.59 9.92 -8.93
N SER A 120 -23.64 9.12 -9.39
CA SER A 120 -23.85 7.72 -9.65
C SER A 120 -23.30 6.98 -8.47
N VAL A 121 -23.50 5.67 -8.46
CA VAL A 121 -23.11 4.87 -7.31
C VAL A 121 -22.92 3.42 -7.67
N VAL A 122 -22.07 2.75 -6.90
CA VAL A 122 -21.77 1.36 -7.14
C VAL A 122 -21.81 0.59 -5.82
N MET A 123 -22.80 -0.30 -5.71
CA MET A 123 -22.94 -1.14 -4.53
C MET A 123 -22.33 -2.51 -4.76
N LYS A 124 -21.45 -2.92 -3.85
CA LYS A 124 -20.98 -4.30 -3.82
C LYS A 124 -21.64 -5.00 -2.63
N CYS A 125 -21.69 -6.32 -2.63
CA CYS A 125 -22.08 -7.00 -1.38
C CYS A 125 -20.91 -7.71 -0.72
N GLU A 126 -20.94 -7.98 -0.61
CA GLU A 126 -19.77 -8.25 0.21
C GLU A 126 -19.47 -9.73 0.49
N ILE A 127 -19.44 -10.32 0.68
CA ILE A 127 -19.04 -11.71 0.77
C ILE A 127 -17.71 -11.92 1.52
N PRO A 128 -17.77 -12.22 2.83
CA PRO A 128 -16.54 -12.39 3.62
C PRO A 128 -15.48 -13.22 2.91
N SER A 129 -14.23 -12.91 3.21
CA SER A 129 -13.06 -13.41 2.49
C SER A 129 -12.95 -14.93 2.45
N TYR A 130 -13.31 -15.58 3.55
CA TYR A 130 -13.05 -17.01 3.66
C TYR A 130 -13.86 -17.85 2.68
N VAL A 131 -15.06 -17.38 2.38
CA VAL A 131 -15.97 -18.02 1.43
C VAL A 131 -15.90 -17.31 0.09
N ALA A 132 -15.35 -16.10 0.13
CA ALA A 132 -15.34 -15.18 -0.99
C ALA A 132 -14.81 -15.84 -2.25
N ASP A 133 -14.06 -16.91 -2.06
CA ASP A 133 -13.47 -17.58 -3.20
C ASP A 133 -14.50 -18.42 -3.93
N PHE A 134 -15.61 -18.71 -3.25
CA PHE A 134 -16.65 -19.58 -3.80
C PHE A 134 -18.09 -19.09 -3.58
N VAL A 135 -18.23 -17.80 -3.26
CA VAL A 135 -19.54 -17.18 -3.13
C VAL A 135 -19.58 -15.88 -3.94
N PHE A 136 -20.46 -15.85 -4.94
CA PHE A 136 -20.49 -14.77 -5.92
C PHE A 136 -21.92 -14.31 -6.19
N VAL A 137 -22.11 -12.99 -6.27
CA VAL A 137 -23.43 -12.41 -6.49
C VAL A 137 -24.08 -12.93 -7.76
N ASP A 138 -25.36 -13.27 -7.68
CA ASP A 138 -26.10 -13.69 -8.86
C ASP A 138 -27.43 -12.97 -9.00
N LEU A 139 -27.70 -12.02 -8.11
CA LEU A 139 -28.92 -11.23 -8.19
C LEU A 139 -28.88 -9.93 -7.40
N TRP A 140 -29.90 -9.08 -7.58
CA TRP A 140 -30.16 -7.91 -6.75
C TRP A 140 -31.67 -7.73 -6.71
N LEU A 141 -32.18 -7.09 -5.65
CA LEU A 141 -33.61 -7.07 -5.46
C LEU A 141 -34.03 -5.77 -4.78
N ASP A 142 -35.14 -5.19 -5.26
CA ASP A 142 -35.76 -4.02 -4.62
C ASP A 142 -36.69 -4.47 -3.52
N SER A 143 -36.98 -3.56 -2.60
CA SER A 143 -38.03 -3.84 -1.66
C SER A 143 -39.35 -3.61 -2.37
N GLU A 144 -39.31 -3.41 -3.68
CA GLU A 144 -40.48 -2.89 -4.37
C GLU A 144 -40.74 -3.67 -5.64
N GLY A 145 -40.22 -4.87 -5.69
CA GLY A 145 -40.55 -5.78 -6.77
C GLY A 145 -39.41 -6.19 -7.67
N ARG A 146 -38.51 -5.27 -7.92
CA ARG A 146 -37.57 -5.37 -9.03
C ARG A 146 -36.41 -6.33 -8.80
N ASN A 147 -35.93 -6.85 -9.92
CA ASN A 147 -34.81 -7.75 -9.95
C ASN A 147 -33.75 -7.16 -10.91
N TYR A 148 -32.48 -7.32 -10.56
CA TYR A 148 -31.43 -6.82 -11.42
C TYR A 148 -30.48 -7.95 -11.77
N TYR A 149 -30.76 -8.63 -12.88
CA TYR A 149 -29.99 -9.85 -13.22
C TYR A 149 -28.61 -9.55 -13.77
N PRO A 150 -27.61 -10.34 -13.39
CA PRO A 150 -26.29 -10.29 -14.00
C PRO A 150 -26.35 -10.49 -15.48
N ASN A 151 -25.27 -10.18 -16.18
CA ASN A 151 -25.23 -10.32 -17.61
C ASN A 151 -23.77 -10.30 -18.01
N ASN A 152 -23.51 -10.43 -19.30
CA ASN A 152 -22.15 -10.24 -19.79
C ASN A 152 -22.06 -8.84 -20.40
N ALA A 153 -22.85 -7.93 -19.84
CA ALA A 153 -22.91 -6.53 -20.28
C ALA A 153 -23.74 -6.34 -21.56
N ALA A 154 -24.91 -6.96 -21.58
CA ALA A 154 -25.81 -6.87 -22.73
C ALA A 154 -26.24 -5.43 -23.04
N GLU A 155 -27.04 -4.83 -22.17
CA GLU A 155 -27.49 -3.45 -22.35
C GLU A 155 -26.53 -2.49 -21.68
N THR A 156 -26.61 -1.21 -22.04
CA THR A 156 -25.71 -0.20 -21.50
C THR A 156 -26.45 1.10 -21.16
N ASP A 157 -27.34 1.52 -22.06
CA ASP A 157 -28.07 2.77 -21.87
C ASP A 157 -29.18 2.58 -20.85
N GLY A 158 -28.87 2.81 -19.58
CA GLY A 158 -29.87 2.74 -18.53
C GLY A 158 -29.35 3.05 -17.14
N LYS A 159 -30.27 3.49 -16.28
CA LYS A 159 -29.94 3.79 -14.88
C LYS A 159 -29.26 2.62 -14.13
N TYR A 160 -29.77 1.40 -14.32
CA TYR A 160 -29.16 0.28 -13.64
C TYR A 160 -28.32 -0.64 -14.52
N LEU A 161 -27.24 -1.16 -13.91
CA LEU A 161 -26.39 -2.15 -14.54
C LEU A 161 -25.78 -3.02 -13.46
N VAL A 162 -25.71 -4.32 -13.73
CA VAL A 162 -24.85 -5.17 -12.91
C VAL A 162 -23.55 -5.35 -13.65
N LEU A 163 -22.48 -4.87 -13.05
CA LEU A 163 -21.19 -5.01 -13.66
C LEU A 163 -20.84 -6.48 -13.81
N PRO A 164 -20.03 -6.80 -14.81
CA PRO A 164 -19.38 -8.10 -14.89
C PRO A 164 -19.00 -8.62 -13.51
N SER A 165 -18.61 -7.75 -12.60
CA SER A 165 -18.15 -8.21 -11.28
C SER A 165 -19.23 -8.23 -10.21
N GLY A 166 -20.48 -8.19 -10.65
CA GLY A 166 -21.60 -8.33 -9.74
C GLY A 166 -21.95 -7.19 -8.81
N GLU A 167 -21.41 -5.99 -9.03
CA GLU A 167 -21.89 -4.81 -8.31
C GLU A 167 -23.01 -4.17 -9.10
N LEU A 168 -23.91 -3.50 -8.39
CA LEU A 168 -25.04 -2.85 -9.04
C LEU A 168 -24.69 -1.38 -9.27
N HIS A 169 -24.62 -0.98 -10.53
CA HIS A 169 -24.14 0.35 -10.86
C HIS A 169 -25.30 1.30 -11.21
N ILE A 170 -25.68 2.13 -10.26
CA ILE A 170 -26.76 3.06 -10.52
C ILE A 170 -26.17 4.28 -11.20
N ARG A 171 -26.82 4.71 -12.27
CA ARG A 171 -26.24 5.68 -13.19
C ARG A 171 -26.32 7.07 -12.61
N GLU A 172 -27.26 7.25 -11.69
CA GLU A 172 -27.54 8.55 -11.13
C GLU A 172 -28.53 8.31 -10.02
N VAL A 173 -28.63 9.27 -9.10
CA VAL A 173 -29.40 9.05 -7.90
C VAL A 173 -30.21 10.29 -7.53
N GLY A 174 -31.52 10.27 -7.79
CA GLY A 174 -32.42 11.27 -7.25
C GLY A 174 -32.74 10.94 -5.80
N PRO A 175 -33.25 11.94 -5.04
CA PRO A 175 -33.60 11.77 -3.61
C PRO A 175 -34.75 10.77 -3.47
N GLU A 176 -35.55 10.74 -4.52
CA GLU A 176 -36.58 9.73 -4.77
C GLU A 176 -36.01 8.31 -4.79
N ASP A 177 -34.84 8.11 -4.21
CA ASP A 177 -34.22 6.80 -4.25
C ASP A 177 -33.90 6.37 -2.82
N GLY A 178 -34.25 7.23 -1.88
CA GLY A 178 -33.98 6.97 -0.48
C GLY A 178 -35.10 6.27 0.25
N TYR A 179 -36.16 5.90 -0.47
CA TYR A 179 -37.23 5.10 0.12
C TYR A 179 -37.37 3.81 -0.66
N LYS A 180 -36.69 2.75 -0.22
CA LYS A 180 -36.47 1.58 -1.06
C LYS A 180 -35.23 0.82 -0.62
N SER A 181 -35.33 -0.49 -0.45
CA SER A 181 -34.16 -1.24 -0.02
C SER A 181 -33.64 -2.15 -1.13
N TYR A 182 -32.39 -2.56 -0.98
CA TYR A 182 -31.77 -3.42 -1.97
C TYR A 182 -31.10 -4.53 -1.21
N GLN A 183 -31.28 -5.76 -1.66
CA GLN A 183 -30.52 -6.83 -1.07
C GLN A 183 -29.83 -7.52 -2.21
N CYS A 184 -28.67 -8.12 -1.94
CA CYS A 184 -28.03 -8.90 -2.96
C CYS A 184 -28.14 -10.38 -2.62
N ARG A 185 -27.83 -11.23 -3.60
CA ARG A 185 -28.02 -12.67 -3.46
C ARG A 185 -26.94 -13.47 -4.15
N THR A 186 -25.98 -13.94 -3.37
CA THR A 186 -24.90 -14.74 -3.89
C THR A 186 -25.43 -16.13 -4.13
N LYS A 187 -24.55 -16.99 -4.64
CA LYS A 187 -24.80 -18.42 -4.67
C LYS A 187 -23.46 -19.11 -4.50
N HIS A 188 -23.47 -20.31 -3.92
CA HIS A 188 -22.27 -21.04 -3.57
C HIS A 188 -21.81 -21.95 -4.73
N ARG A 189 -20.58 -21.81 -5.18
CA ARG A 189 -20.16 -22.58 -6.33
C ARG A 189 -19.95 -24.04 -5.97
N LEU A 190 -19.93 -24.34 -4.69
CA LEU A 190 -19.74 -25.71 -4.23
C LEU A 190 -21.02 -26.35 -3.70
N THR A 191 -21.47 -25.93 -2.51
CA THR A 191 -22.73 -26.42 -1.97
C THR A 191 -23.85 -26.28 -2.99
N GLY A 192 -23.98 -25.12 -3.59
CA GLY A 192 -25.11 -24.86 -4.47
C GLY A 192 -26.12 -23.99 -3.75
N GLU A 193 -25.76 -23.45 -2.59
CA GLU A 193 -26.75 -22.72 -1.81
C GLU A 193 -26.92 -21.28 -2.25
N THR A 194 -28.10 -21.00 -2.83
CA THR A 194 -28.50 -19.63 -3.08
C THR A 194 -28.94 -19.10 -1.75
N ARG A 195 -28.42 -17.95 -1.36
CA ARG A 195 -28.95 -17.27 -0.18
C ARG A 195 -28.82 -15.75 -0.24
N LEU A 196 -29.86 -15.07 0.24
CA LEU A 196 -29.88 -13.63 0.28
C LEU A 196 -28.87 -13.09 1.28
N SER A 197 -28.96 -11.79 1.55
CA SER A 197 -27.97 -11.12 2.38
C SER A 197 -28.56 -10.79 3.75
N ALA A 198 -27.74 -10.92 4.77
CA ALA A 198 -28.19 -10.69 6.12
C ALA A 198 -28.95 -9.37 6.21
N THR A 199 -28.45 -8.32 5.55
CA THR A 199 -29.16 -7.04 5.54
C THR A 199 -29.25 -6.42 4.17
N LYS A 200 -30.14 -5.45 4.03
CA LYS A 200 -30.32 -4.76 2.76
C LYS A 200 -30.12 -3.25 2.84
N GLY A 201 -29.29 -2.72 1.94
CA GLY A 201 -28.89 -1.31 1.95
C GLY A 201 -29.78 -0.27 1.28
N ARG A 202 -29.90 0.87 1.97
CA ARG A 202 -30.72 1.97 1.50
C ARG A 202 -29.83 3.06 0.91
N LEU A 203 -30.37 3.78 -0.07
CA LEU A 203 -29.62 4.85 -0.72
C LEU A 203 -29.78 6.16 0.03
N VAL A 204 -28.67 6.75 0.45
CA VAL A 204 -28.71 8.01 1.19
C VAL A 204 -28.33 9.24 0.35
N ILE A 205 -29.36 9.86 -0.21
CA ILE A 205 -29.16 11.07 -1.01
C ILE A 205 -28.84 12.24 -0.08
N THR A 206 -27.79 12.97 -0.41
CA THR A 206 -27.40 14.11 0.38
C THR A 206 -27.39 15.30 -0.56
N GLU A 207 -28.33 16.23 -0.38
CA GLU A 207 -28.40 17.41 -1.24
C GLU A 207 -27.24 18.34 -0.89
N PRO A 208 -26.60 18.93 -1.91
CA PRO A 208 -25.38 19.73 -1.73
C PRO A 208 -25.69 21.22 -1.64
N VAL A 209 -24.86 21.95 -0.89
CA VAL A 209 -24.91 23.40 -0.87
C VAL A 209 -23.85 23.96 -1.81
N GLY A 210 -24.29 24.81 -2.72
CA GLY A 210 -23.41 25.47 -3.66
C GLY A 210 -22.68 24.51 -4.56
N SER A 211 -21.51 24.06 -4.11
CA SER A 211 -20.65 23.24 -4.94
C SER A 211 -19.78 22.34 -4.09
N VAL A 212 -18.98 21.54 -4.78
CA VAL A 212 -18.01 20.64 -4.18
C VAL A 212 -17.13 20.02 -5.27
N ARG A 213 -16.63 19.17 -5.44
CA ARG A 213 -15.28 19.11 -6.00
C ARG A 213 -14.93 17.67 -6.29
N PRO A 214 -14.46 17.27 -6.91
CA PRO A 214 -14.51 15.82 -6.98
C PRO A 214 -13.35 15.23 -6.22
N LYS A 215 -13.60 14.21 -5.41
CA LYS A 215 -12.50 13.43 -4.87
C LYS A 215 -12.85 11.96 -4.59
N VAL A 216 -11.81 11.17 -4.29
CA VAL A 216 -11.85 9.72 -4.36
C VAL A 216 -11.23 9.04 -3.14
N ASN A 217 -11.78 7.91 -2.72
CA ASN A 217 -11.21 7.19 -1.59
C ASN A 217 -10.01 6.40 -2.03
N PRO A 218 -8.95 6.39 -1.20
CA PRO A 218 -7.63 5.83 -1.53
C PRO A 218 -7.67 4.44 -2.19
N GLN A 219 -8.58 3.60 -1.74
CA GLN A 219 -8.72 2.27 -2.28
C GLN A 219 -9.48 2.27 -3.60
N ASP A 220 -9.78 3.46 -4.11
CA ASP A 220 -10.38 3.62 -5.42
C ASP A 220 -9.46 4.37 -6.37
N LYS A 221 -8.39 4.93 -5.81
CA LYS A 221 -7.50 5.76 -6.61
C LYS A 221 -6.45 4.96 -7.37
N HIS A 222 -6.28 3.68 -7.04
CA HIS A 222 -5.24 2.88 -7.71
C HIS A 222 -5.67 1.45 -7.87
N GLN A 223 -6.20 1.15 -9.03
CA GLN A 223 -6.88 -0.11 -9.18
C GLN A 223 -6.07 -1.06 -10.04
N PHE A 224 -6.24 -2.34 -9.75
CA PHE A 224 -5.62 -3.39 -10.52
C PHE A 224 -6.76 -4.34 -10.88
N ILE A 225 -6.76 -4.77 -12.13
CA ILE A 225 -7.86 -5.58 -12.62
C ILE A 225 -7.35 -6.66 -13.55
N ASP A 226 -7.85 -7.88 -13.35
CA ASP A 226 -7.48 -9.00 -14.20
C ASP A 226 -8.73 -9.61 -14.77
N VAL A 227 -8.74 -9.86 -16.08
CA VAL A 227 -9.84 -10.61 -16.68
C VAL A 227 -9.30 -11.55 -17.75
N GLU A 228 -10.12 -12.51 -18.15
CA GLU A 228 -9.67 -13.47 -19.14
C GLU A 228 -10.15 -13.05 -20.49
N LEU A 229 -9.48 -13.54 -21.52
CA LEU A 229 -9.84 -13.24 -22.89
C LEU A 229 -11.32 -13.50 -23.20
N ALA A 230 -11.86 -12.72 -24.13
CA ALA A 230 -13.20 -12.92 -24.66
C ALA A 230 -14.31 -12.79 -23.62
N SER A 231 -13.94 -12.54 -22.37
CA SER A 231 -14.90 -12.29 -21.32
C SER A 231 -15.13 -10.79 -21.16
N SER A 232 -16.14 -10.42 -20.38
CA SER A 232 -16.49 -9.02 -20.23
C SER A 232 -16.12 -8.49 -18.86
N TYR A 233 -15.79 -7.21 -18.81
CA TYR A 233 -15.32 -6.57 -17.57
C TYR A 233 -15.61 -5.09 -17.64
N SER A 234 -15.13 -4.34 -16.65
CA SER A 234 -15.36 -2.91 -16.60
C SER A 234 -14.28 -2.24 -15.80
N LEU A 235 -13.99 -1.01 -16.16
CA LEU A 235 -12.98 -0.24 -15.48
C LEU A 235 -13.75 0.81 -14.72
N LEU A 236 -13.33 1.09 -13.49
CA LEU A 236 -14.11 1.98 -12.65
C LEU A 236 -13.40 3.28 -12.39
N CYS A 237 -14.22 4.30 -12.11
CA CYS A 237 -13.72 5.62 -11.80
C CYS A 237 -14.65 6.23 -10.76
N MET A 238 -14.37 5.90 -9.50
CA MET A 238 -15.26 6.22 -8.40
C MET A 238 -15.11 7.64 -7.90
N ALA A 239 -15.78 8.59 -8.54
CA ALA A 239 -15.69 9.97 -8.08
C ALA A 239 -17.06 10.66 -7.91
N GLN A 240 -17.18 11.50 -6.89
CA GLN A 240 -18.41 12.30 -6.77
C GLN A 240 -18.07 13.78 -6.84
N SER A 241 -19.10 14.64 -6.89
CA SER A 241 -18.88 16.08 -7.08
C SER A 241 -20.14 16.84 -7.51
N TYR A 242 -20.37 17.99 -6.88
CA TYR A 242 -21.44 18.88 -7.32
C TYR A 242 -20.87 20.22 -7.74
N PRO A 243 -21.24 20.68 -8.94
CA PRO A 243 -22.03 19.94 -9.93
C PRO A 243 -21.33 18.70 -10.41
N THR A 244 -22.06 17.92 -11.19
CA THR A 244 -21.61 16.60 -11.55
C THR A 244 -20.44 16.63 -12.54
N PRO A 245 -19.41 15.85 -12.24
CA PRO A 245 -18.13 15.71 -12.94
C PRO A 245 -18.22 15.13 -14.34
N SER A 246 -17.13 15.32 -15.07
CA SER A 246 -16.92 14.75 -16.39
C SER A 246 -15.77 13.76 -16.23
N PHE A 247 -15.96 12.53 -16.71
CA PHE A 247 -14.95 11.51 -16.54
C PHE A 247 -14.27 11.31 -17.87
N ARG A 248 -12.93 11.28 -17.90
CA ARG A 248 -12.22 11.10 -19.17
C ARG A 248 -11.21 9.99 -19.19
N TRP A 249 -11.58 8.91 -19.87
CA TRP A 249 -10.74 7.73 -19.96
C TRP A 249 -9.67 7.82 -21.05
N TYR A 250 -8.42 7.62 -20.67
CA TYR A 250 -7.35 7.58 -21.64
C TYR A 250 -6.56 6.31 -21.40
N LYS A 251 -6.09 5.69 -22.47
CA LYS A 251 -5.07 4.65 -22.32
C LYS A 251 -3.68 5.23 -22.50
N PHE A 252 -2.72 4.77 -21.71
CA PHE A 252 -1.33 5.18 -21.91
C PHE A 252 -0.67 4.41 -23.06
N ILE A 253 0.38 5.00 -23.64
CA ILE A 253 1.20 4.28 -24.61
C ILE A 253 2.34 3.65 -23.84
N GLU A 254 2.61 2.38 -24.12
CA GLU A 254 3.47 1.57 -23.28
C GLU A 254 4.86 2.17 -23.02
N GLY A 255 5.13 2.41 -21.75
CA GLY A 255 6.42 2.91 -21.31
C GLY A 255 6.63 4.37 -21.64
N THR A 256 5.55 5.13 -21.70
CA THR A 256 5.63 6.58 -21.89
C THR A 256 4.72 7.29 -20.89
N THR A 257 4.87 8.61 -20.78
CA THR A 257 3.99 9.39 -19.95
C THR A 257 2.95 10.03 -20.83
N ARG A 258 3.12 9.87 -22.14
CA ARG A 258 2.12 10.29 -23.08
C ARG A 258 0.99 9.28 -23.02
N LYS A 259 -0.19 9.69 -23.48
CA LYS A 259 -1.39 8.88 -23.34
C LYS A 259 -2.32 9.06 -24.55
N GLN A 260 -3.46 8.42 -24.52
CA GLN A 260 -4.33 8.41 -25.68
C GLN A 260 -5.75 8.12 -25.27
N ALA A 261 -6.66 9.07 -25.53
CA ALA A 261 -8.03 8.91 -25.09
C ALA A 261 -8.62 7.57 -25.56
N VAL A 262 -9.38 6.95 -24.66
CA VAL A 262 -10.07 5.69 -24.91
C VAL A 262 -11.26 5.93 -25.83
N VAL A 263 -11.21 5.36 -27.03
CA VAL A 263 -12.30 5.57 -27.98
C VAL A 263 -13.48 4.68 -27.58
N LEU A 264 -14.70 5.21 -27.72
CA LEU A 264 -15.89 4.43 -27.40
C LEU A 264 -16.52 3.77 -28.63
N ASN A 265 -17.15 2.62 -28.43
CA ASN A 265 -17.83 1.92 -29.51
C ASN A 265 -18.87 0.90 -29.05
N ASP A 266 -19.17 -0.08 -29.89
CA ASP A 266 -20.14 -1.12 -29.56
C ASP A 266 -19.51 -2.04 -28.53
N ARG A 267 -18.18 -2.03 -28.52
CA ARG A 267 -17.38 -2.89 -27.66
C ARG A 267 -17.04 -2.18 -26.36
N VAL A 268 -16.59 -0.94 -26.51
CA VAL A 268 -16.17 -0.13 -25.40
C VAL A 268 -17.18 0.95 -25.07
N LYS A 269 -17.91 0.77 -23.97
CA LYS A 269 -18.91 1.75 -23.60
C LYS A 269 -18.69 2.38 -22.22
N GLN A 270 -19.09 3.64 -22.08
CA GLN A 270 -18.94 4.31 -20.80
C GLN A 270 -20.24 4.82 -20.25
N VAL A 271 -20.58 4.35 -19.06
CA VAL A 271 -21.67 4.94 -18.30
C VAL A 271 -20.97 5.72 -17.22
N SER A 272 -20.82 7.03 -17.45
CA SER A 272 -19.80 7.80 -16.73
C SER A 272 -20.02 7.73 -15.23
N GLY A 273 -18.89 7.55 -14.56
CA GLY A 273 -17.64 7.50 -15.29
C GLY A 273 -17.01 6.12 -15.40
N THR A 274 -17.81 5.10 -15.64
CA THR A 274 -17.31 3.75 -15.71
C THR A 274 -17.15 3.24 -17.12
N LEU A 275 -16.06 2.55 -17.39
CA LEU A 275 -15.90 1.83 -18.65
C LEU A 275 -16.44 0.42 -18.52
N ILE A 276 -17.09 -0.05 -19.57
CA ILE A 276 -17.65 -1.38 -19.59
C ILE A 276 -17.40 -1.99 -20.97
N ILE A 277 -16.71 -3.13 -20.98
CA ILE A 277 -16.15 -3.73 -22.19
C ILE A 277 -16.39 -5.24 -22.35
N LYS A 278 -16.74 -5.68 -23.56
CA LYS A 278 -16.86 -7.11 -23.86
C LYS A 278 -15.81 -7.58 -24.87
N ASP A 279 -15.61 -8.89 -24.96
CA ASP A 279 -14.64 -9.50 -25.90
C ASP A 279 -13.19 -9.24 -25.49
N ALA A 280 -12.93 -9.21 -24.18
CA ALA A 280 -11.65 -8.78 -23.63
C ALA A 280 -10.42 -9.27 -24.40
N VAL A 281 -10.15 -8.60 -25.51
CA VAL A 281 -8.99 -8.84 -26.37
C VAL A 281 -7.66 -8.61 -25.61
N VAL A 282 -6.58 -9.20 -26.10
CA VAL A 282 -5.29 -9.12 -25.40
C VAL A 282 -4.55 -7.78 -25.51
N GLU A 283 -4.79 -7.01 -26.55
CA GLU A 283 -4.18 -5.69 -26.63
C GLU A 283 -4.73 -4.87 -25.49
N ASP A 284 -5.93 -5.21 -25.06
CA ASP A 284 -6.60 -4.42 -24.04
C ASP A 284 -5.74 -4.21 -22.79
N SER A 285 -4.86 -5.16 -22.49
CA SER A 285 -4.03 -5.01 -21.31
C SER A 285 -3.35 -3.66 -21.32
N GLY A 286 -2.77 -3.26 -20.20
CA GLY A 286 -2.09 -1.97 -20.13
C GLY A 286 -2.58 -1.08 -19.01
N LYS A 287 -2.19 0.19 -19.06
CA LYS A 287 -2.53 1.14 -18.01
C LYS A 287 -3.48 2.21 -18.51
N TYR A 288 -4.42 2.60 -17.65
CA TYR A 288 -5.46 3.53 -18.01
C TYR A 288 -5.55 4.64 -16.99
N LEU A 289 -5.94 5.82 -17.44
CA LEU A 289 -6.14 6.92 -16.53
C LEU A 289 -7.53 7.50 -16.70
N CYS A 290 -8.23 7.69 -15.60
CA CYS A 290 -9.52 8.33 -15.64
C CYS A 290 -9.32 9.71 -15.11
N VAL A 291 -9.77 10.71 -15.87
CA VAL A 291 -9.56 12.09 -15.49
C VAL A 291 -10.91 12.75 -15.26
N VAL A 292 -11.16 13.15 -14.01
CA VAL A 292 -12.45 13.73 -13.66
C VAL A 292 -12.36 15.19 -13.21
N ASN A 293 -13.34 15.99 -13.64
CA ASN A 293 -13.23 17.45 -13.62
C ASN A 293 -14.56 18.20 -13.40
N ASN A 294 -14.60 19.15 -12.49
CA ASN A 294 -15.68 20.12 -12.53
C ASN A 294 -15.19 21.51 -12.17
N SER A 295 -16.10 22.49 -12.24
CA SER A 295 -15.72 23.88 -12.12
C SER A 295 -14.99 24.19 -10.82
N VAL A 296 -15.02 23.28 -9.87
CA VAL A 296 -14.42 23.52 -8.56
C VAL A 296 -13.07 22.80 -8.41
N GLY A 297 -12.89 21.70 -9.11
CA GLY A 297 -11.68 20.94 -8.90
C GLY A 297 -11.61 19.73 -9.80
N GLY A 298 -10.50 19.00 -9.68
CA GLY A 298 -10.24 17.87 -10.54
C GLY A 298 -9.77 16.69 -9.73
N GLU A 299 -9.42 15.60 -10.41
CA GLU A 299 -9.02 14.37 -9.76
C GLU A 299 -8.75 13.31 -10.83
N SER A 300 -8.18 12.16 -10.45
CA SER A 300 -7.83 11.11 -11.42
C SER A 300 -7.67 9.74 -10.77
N VAL A 301 -7.77 8.67 -11.57
CA VAL A 301 -7.50 7.33 -11.05
C VAL A 301 -6.77 6.38 -12.04
N GLU A 302 -5.58 5.96 -11.67
CA GLU A 302 -4.87 5.03 -12.53
C GLU A 302 -5.44 3.67 -12.32
N THR A 303 -5.28 2.83 -13.33
CA THR A 303 -5.86 1.50 -13.32
C THR A 303 -4.98 0.62 -14.20
N VAL A 304 -4.77 -0.63 -13.78
CA VAL A 304 -3.88 -1.50 -14.49
C VAL A 304 -4.59 -2.76 -14.99
N LEU A 305 -4.72 -2.84 -16.30
CA LEU A 305 -5.47 -3.91 -16.94
C LEU A 305 -4.55 -5.05 -17.36
N THR A 306 -4.81 -6.26 -16.86
CA THR A 306 -4.02 -7.44 -17.22
C THR A 306 -4.90 -8.56 -17.76
N VAL A 307 -5.30 -8.45 -19.02
CA VAL A 307 -6.09 -9.51 -19.66
C VAL A 307 -5.25 -10.80 -19.75
N THR A 308 -5.86 -11.94 -19.41
CA THR A 308 -5.13 -13.19 -19.37
C THR A 308 -5.68 -14.22 -20.35
N ALA A 309 -4.81 -15.14 -20.74
CA ALA A 309 -5.14 -16.18 -21.70
C ALA A 309 -4.80 -17.55 -21.11
N PRO A 310 -5.25 -18.63 -21.77
CA PRO A 310 -4.94 -19.99 -21.32
C PRO A 310 -3.59 -20.46 -21.85
N LEU A 311 -2.54 -20.31 -21.03
CA LEU A 311 -1.18 -20.63 -21.46
C LEU A 311 -0.99 -22.12 -21.71
N SER A 312 0.14 -22.49 -22.32
CA SER A 312 0.43 -23.88 -22.66
C SER A 312 1.95 -24.16 -22.75
N ALA A 313 2.32 -25.44 -22.63
CA ALA A 313 3.69 -25.86 -22.90
C ALA A 313 3.73 -27.20 -23.65
N LYS A 314 4.52 -27.24 -24.71
CA LYS A 314 4.70 -28.43 -25.54
C LYS A 314 6.10 -28.34 -26.11
N ILE A 315 6.86 -29.44 -26.08
CA ILE A 315 8.24 -29.45 -26.60
C ILE A 315 8.33 -29.83 -28.11
N ASP A 316 9.53 -29.68 -28.67
CA ASP A 316 9.74 -29.82 -30.11
C ASP A 316 11.03 -30.57 -30.42
N PRO A 317 10.96 -31.91 -30.60
CA PRO A 317 9.80 -32.82 -30.57
C PRO A 317 9.59 -33.55 -29.23
N PRO A 318 8.45 -34.26 -29.07
CA PRO A 318 8.07 -34.97 -27.84
C PRO A 318 8.91 -36.22 -27.63
N THR A 319 9.60 -36.63 -28.68
CA THR A 319 10.50 -37.78 -28.64
C THR A 319 11.65 -37.55 -29.61
N GLN A 320 12.88 -37.55 -29.10
CA GLN A 320 14.07 -37.52 -29.96
C GLN A 320 15.09 -38.56 -29.54
N THR A 321 15.26 -39.60 -30.38
CA THR A 321 16.36 -40.55 -30.20
C THR A 321 17.60 -39.95 -30.85
N VAL A 322 18.65 -39.76 -30.05
CA VAL A 322 19.85 -39.09 -30.53
C VAL A 322 20.90 -40.03 -31.10
N ASP A 323 22.13 -39.52 -31.06
CA ASP A 323 23.32 -40.22 -31.48
C ASP A 323 24.35 -39.79 -30.42
N PHE A 324 25.25 -40.69 -30.05
CA PHE A 324 26.00 -40.56 -28.80
C PHE A 324 26.93 -39.35 -28.64
N GLY A 325 26.35 -38.17 -28.44
CA GLY A 325 27.12 -36.95 -28.25
C GLY A 325 26.65 -35.85 -29.17
N ARG A 326 25.34 -35.74 -29.35
CA ARG A 326 24.75 -34.90 -30.37
C ARG A 326 24.19 -33.58 -29.84
N PRO A 327 23.55 -32.79 -30.72
CA PRO A 327 22.81 -31.59 -30.32
C PRO A 327 21.58 -31.91 -29.47
N ALA A 328 20.68 -30.94 -29.36
CA ALA A 328 19.43 -31.11 -28.64
C ALA A 328 18.42 -30.05 -29.07
N VAL A 329 17.58 -30.41 -30.02
CA VAL A 329 16.49 -29.55 -30.47
C VAL A 329 15.30 -29.73 -29.54
N PHE A 330 15.21 -28.90 -28.51
CA PHE A 330 14.17 -29.03 -27.50
C PHE A 330 13.39 -27.73 -27.29
N THR A 331 12.94 -27.14 -28.40
CA THR A 331 12.10 -25.93 -28.36
C THR A 331 10.72 -26.29 -27.79
N CYS A 332 9.91 -25.28 -27.48
CA CYS A 332 8.53 -25.50 -27.00
C CYS A 332 7.47 -24.56 -27.60
N GLN A 333 6.51 -25.12 -28.32
CA GLN A 333 5.40 -24.38 -28.93
C GLN A 333 4.51 -23.70 -27.86
N TYR A 334 3.78 -22.65 -28.24
CA TYR A 334 3.03 -21.88 -27.24
C TYR A 334 1.91 -20.93 -27.70
N THR A 335 1.00 -20.65 -26.77
CA THR A 335 0.12 -19.48 -26.73
C THR A 335 -0.39 -19.38 -25.29
N GLY A 336 -0.75 -18.18 -24.87
CA GLY A 336 -1.19 -17.99 -23.50
C GLY A 336 -0.48 -16.82 -22.86
N ASN A 337 -0.84 -16.52 -21.61
CA ASN A 337 -0.49 -15.25 -21.01
C ASN A 337 -1.23 -15.13 -19.69
N PRO A 338 -0.53 -14.70 -18.63
CA PRO A 338 0.89 -14.36 -18.64
C PRO A 338 1.75 -15.54 -18.20
N ILE A 339 3.02 -15.52 -18.62
CA ILE A 339 4.01 -16.46 -18.10
C ILE A 339 4.87 -15.73 -17.07
N LYS A 340 4.94 -16.28 -15.85
CA LYS A 340 5.74 -15.67 -14.79
C LYS A 340 7.12 -16.32 -14.74
N THR A 341 7.23 -17.48 -15.38
CA THR A 341 8.50 -18.12 -15.76
C THR A 341 8.30 -19.60 -16.11
N VAL A 342 8.84 -19.98 -17.25
CA VAL A 342 8.86 -21.36 -17.69
C VAL A 342 9.97 -22.13 -16.93
N SER A 343 9.78 -23.42 -16.74
CA SER A 343 10.76 -24.24 -16.01
C SER A 343 11.23 -25.44 -16.84
N TRP A 344 12.25 -26.13 -16.35
CA TRP A 344 12.75 -27.36 -16.99
C TRP A 344 13.06 -28.44 -15.97
N MET A 345 13.05 -29.70 -16.42
CA MET A 345 13.43 -30.82 -15.57
C MET A 345 13.56 -32.13 -16.34
N LYS A 346 14.07 -33.14 -15.67
CA LYS A 346 14.19 -34.48 -16.25
C LYS A 346 13.93 -35.58 -15.22
N ASP A 347 12.89 -36.38 -15.46
CA ASP A 347 12.56 -37.54 -14.64
C ASP A 347 12.33 -37.21 -13.17
N GLY A 348 11.30 -36.40 -12.90
CA GLY A 348 10.93 -36.04 -11.54
C GLY A 348 11.93 -35.15 -10.83
N LYS A 349 13.07 -34.91 -11.47
CA LYS A 349 14.13 -34.11 -10.88
C LYS A 349 14.31 -32.78 -11.62
N ALA A 350 14.26 -31.69 -10.88
CA ALA A 350 14.50 -30.37 -11.44
C ALA A 350 15.98 -30.21 -11.77
N ILE A 351 16.27 -29.68 -12.95
CA ILE A 351 17.65 -29.58 -13.43
C ILE A 351 18.30 -28.22 -13.18
N GLY A 352 17.80 -27.17 -13.85
CA GLY A 352 18.33 -25.83 -13.63
C GLY A 352 18.17 -24.87 -14.80
N HIS A 353 18.00 -25.41 -16.00
CA HIS A 353 17.81 -24.60 -17.20
C HIS A 353 16.42 -23.96 -17.20
N SER A 354 16.34 -22.69 -17.58
CA SER A 354 15.07 -21.98 -17.62
C SER A 354 14.92 -21.11 -18.87
N GLU A 355 14.93 -21.74 -20.04
CA GLU A 355 14.71 -21.03 -21.30
C GLU A 355 14.05 -21.92 -22.35
N SER A 356 13.67 -21.32 -23.48
CA SER A 356 12.88 -21.98 -24.53
C SER A 356 13.37 -23.37 -24.99
N VAL A 357 14.59 -23.43 -25.52
CA VAL A 357 15.11 -24.67 -26.06
C VAL A 357 16.16 -25.30 -25.15
N LEU A 358 15.90 -26.54 -24.73
CA LEU A 358 16.88 -27.25 -23.92
C LEU A 358 17.91 -27.88 -24.83
N ARG A 359 19.17 -27.82 -24.43
CA ARG A 359 20.24 -28.52 -25.14
C ARG A 359 21.46 -28.82 -24.28
N ILE A 360 21.84 -30.10 -24.24
CA ILE A 360 23.12 -30.51 -23.66
C ILE A 360 23.96 -31.06 -24.81
N GLU A 361 24.98 -30.30 -25.20
CA GLU A 361 25.71 -30.54 -26.45
C GLU A 361 26.38 -31.91 -26.55
N SER A 362 26.72 -32.50 -25.41
CA SER A 362 27.31 -33.83 -25.42
C SER A 362 26.47 -34.80 -24.60
N VAL A 363 25.75 -35.67 -25.28
CA VAL A 363 24.84 -36.60 -24.61
C VAL A 363 25.62 -37.64 -23.80
N LYS A 364 24.89 -38.39 -22.98
CA LYS A 364 25.48 -39.36 -22.07
C LYS A 364 24.51 -40.53 -21.89
N LYS A 365 24.86 -41.49 -21.03
CA LYS A 365 23.96 -42.58 -20.70
C LYS A 365 22.90 -42.08 -19.72
N GLU A 366 23.36 -41.47 -18.63
CA GLU A 366 22.44 -40.91 -17.63
C GLU A 366 21.83 -39.60 -18.12
N ASP A 367 22.03 -39.30 -19.41
CA ASP A 367 21.45 -38.12 -20.03
C ASP A 367 20.33 -38.47 -21.00
N LYS A 368 19.49 -39.45 -20.64
CA LYS A 368 18.30 -39.77 -21.44
C LYS A 368 17.10 -40.13 -20.56
N GLY A 369 15.92 -39.72 -21.00
CA GLY A 369 14.69 -39.98 -20.25
C GLY A 369 13.58 -39.05 -20.69
N MET A 370 12.91 -38.41 -19.73
CA MET A 370 11.84 -37.48 -20.04
C MET A 370 12.19 -36.07 -19.57
N TYR A 371 12.00 -35.09 -20.45
CA TYR A 371 12.29 -33.70 -20.16
C TYR A 371 11.02 -32.89 -20.35
N GLN A 372 10.74 -32.01 -19.39
CA GLN A 372 9.48 -31.28 -19.38
C GLN A 372 9.68 -29.78 -19.10
N CYS A 373 9.01 -28.96 -19.90
CA CYS A 373 8.94 -27.52 -19.68
C CYS A 373 7.80 -27.30 -18.68
N PHE A 374 7.87 -26.23 -17.88
CA PHE A 374 6.83 -25.91 -16.91
C PHE A 374 6.41 -24.42 -16.96
N VAL A 375 5.38 -24.11 -17.75
CA VAL A 375 4.98 -22.72 -17.96
C VAL A 375 4.08 -22.20 -16.84
N ARG A 376 4.69 -21.95 -15.68
CA ARG A 376 3.94 -21.50 -14.50
C ARG A 376 3.39 -20.06 -14.56
N ASN A 377 3.17 -19.51 -13.38
CA ASN A 377 2.65 -18.17 -13.14
C ASN A 377 2.06 -18.17 -11.73
N ASP A 378 1.39 -17.10 -11.34
CA ASP A 378 0.93 -16.93 -9.96
C ASP A 378 -0.37 -17.67 -9.59
N ARG A 379 -1.34 -17.68 -10.49
CA ARG A 379 -2.61 -18.35 -10.21
C ARG A 379 -2.92 -19.45 -11.22
N GLU A 380 -1.89 -20.19 -11.63
CA GLU A 380 -2.04 -21.33 -12.54
C GLU A 380 -0.70 -21.96 -12.93
N SER A 381 -0.75 -22.80 -13.97
CA SER A 381 0.43 -23.45 -14.57
C SER A 381 0.05 -24.53 -15.60
N ALA A 382 0.78 -24.57 -16.72
CA ALA A 382 0.64 -25.67 -17.69
C ALA A 382 1.99 -26.37 -17.84
N GLU A 383 1.99 -27.56 -18.45
CA GLU A 383 3.23 -28.35 -18.62
C GLU A 383 3.43 -29.00 -20.00
N ALA A 384 4.69 -29.34 -20.28
CA ALA A 384 5.08 -29.94 -21.56
C ALA A 384 5.75 -31.28 -21.30
N SER A 385 6.26 -31.91 -22.34
CA SER A 385 6.90 -33.22 -22.20
C SER A 385 7.77 -33.64 -23.40
N ALA A 386 8.88 -34.32 -23.10
CA ALA A 386 9.78 -34.86 -24.12
C ALA A 386 10.58 -36.04 -23.60
N GLU A 387 10.78 -37.05 -24.44
CA GLU A 387 11.56 -38.22 -24.04
C GLU A 387 12.79 -38.39 -24.91
N LEU A 388 13.85 -38.98 -24.35
CA LEU A 388 15.10 -39.17 -25.08
C LEU A 388 15.45 -40.63 -25.28
N LYS A 389 14.91 -41.20 -26.34
CA LYS A 389 15.33 -42.52 -26.82
C LYS A 389 16.76 -42.42 -27.32
N LEU A 390 17.42 -43.54 -27.56
CA LEU A 390 18.84 -43.50 -27.91
C LEU A 390 19.19 -44.36 -29.12
N GLY A 391 20.44 -44.28 -29.54
CA GLY A 391 20.95 -45.05 -30.67
C GLY A 391 21.76 -46.26 -30.23
N GLN B 1 45.46 28.39 17.66
CA GLN B 1 44.64 27.97 18.80
C GLN B 1 43.49 27.05 18.37
N LYS B 2 42.63 27.59 17.51
CA LYS B 2 41.48 26.87 17.02
C LYS B 2 41.67 26.41 15.59
N GLY B 3 41.04 25.27 15.28
CA GLY B 3 40.69 24.96 13.92
C GLY B 3 39.33 25.59 13.78
N PRO B 4 38.58 25.24 12.73
CA PRO B 4 37.23 25.78 12.60
C PRO B 4 36.35 25.30 13.76
N VAL B 5 35.04 25.42 13.59
CA VAL B 5 34.02 24.96 14.56
C VAL B 5 32.81 25.89 14.50
N PHE B 6 31.61 25.32 14.69
CA PHE B 6 30.35 26.05 14.47
C PHE B 6 29.74 26.73 15.70
N LEU B 7 29.59 28.05 15.62
CA LEU B 7 28.89 28.79 16.67
C LEU B 7 27.46 29.03 16.20
N LYS B 8 27.30 29.88 15.19
CA LYS B 8 25.98 30.09 14.60
C LYS B 8 25.78 29.13 13.42
N GLU B 9 25.04 28.03 13.68
CA GLU B 9 24.76 27.01 12.68
C GLU B 9 23.26 27.01 12.32
N PRO B 10 22.91 26.66 11.06
CA PRO B 10 21.57 26.90 10.52
C PRO B 10 20.58 25.77 10.80
N THR B 11 19.60 26.00 11.68
CA THR B 11 18.58 25.00 12.00
C THR B 11 17.97 24.43 10.72
N ASN B 12 17.94 23.11 10.64
CA ASN B 12 17.83 22.39 9.37
C ASN B 12 16.88 22.98 8.34
N ARG B 13 15.59 22.67 8.48
CA ARG B 13 14.57 23.15 7.54
C ARG B 13 14.32 24.63 7.73
N ILE B 14 14.33 25.36 6.63
CA ILE B 14 14.02 26.78 6.64
C ILE B 14 13.21 27.24 5.44
N ASP B 15 12.01 27.72 5.76
CA ASP B 15 10.99 27.92 4.76
C ASP B 15 10.44 29.35 4.75
N PHE B 16 9.88 29.73 3.60
CA PHE B 16 9.61 31.12 3.26
C PHE B 16 9.00 31.15 1.87
N SER B 17 8.88 32.34 1.31
CA SER B 17 8.16 32.47 0.05
C SER B 17 8.31 33.85 -0.59
N ASN B 18 7.99 33.92 -1.87
CA ASN B 18 7.75 35.18 -2.53
C ASN B 18 6.91 36.01 -1.60
N SER B 19 6.97 37.34 -1.74
CA SER B 19 6.24 38.22 -0.84
C SER B 19 6.82 38.19 0.58
N THR B 20 7.99 37.60 0.74
CA THR B 20 8.66 37.65 2.03
C THR B 20 10.08 37.16 1.94
N GLY B 21 10.28 36.10 1.18
CA GLY B 21 11.60 35.55 0.96
C GLY B 21 12.34 35.22 2.24
N ALA B 22 13.66 35.10 2.13
CA ALA B 22 14.52 34.78 3.28
C ALA B 22 16.00 35.06 3.01
N GLU B 23 16.85 34.58 3.91
CA GLU B 23 18.30 34.68 3.79
C GLU B 23 18.89 33.91 4.97
N ILE B 24 20.04 33.27 4.78
CA ILE B 24 20.50 32.26 5.72
C ILE B 24 21.84 32.54 6.45
N GLU B 25 21.77 32.65 7.77
CA GLU B 25 22.90 33.05 8.61
C GLU B 25 23.83 31.92 9.07
N CYS B 26 25.00 31.80 8.45
CA CYS B 26 26.04 30.90 8.94
C CYS B 26 27.33 31.68 9.15
N LYS B 27 27.76 31.74 10.40
CA LYS B 27 29.05 32.33 10.73
C LYS B 27 29.85 31.31 11.54
N ALA B 28 31.15 31.21 11.28
CA ALA B 28 31.98 30.21 11.93
C ALA B 28 33.05 30.80 12.84
N SER B 29 33.72 29.92 13.57
CA SER B 29 34.68 30.32 14.59
C SER B 29 36.03 29.63 14.43
N GLY B 30 37.07 30.28 14.92
CA GLY B 30 38.43 29.75 14.86
C GLY B 30 39.32 30.91 15.22
N ASN B 31 40.63 30.73 15.21
CA ASN B 31 41.48 31.90 15.42
C ASN B 31 42.63 32.13 14.42
N PRO B 32 42.54 31.48 13.25
CA PRO B 32 42.81 32.38 12.12
C PRO B 32 41.49 33.12 11.96
N MET B 33 40.59 32.56 11.15
CA MET B 33 39.18 32.97 11.09
C MET B 33 38.54 32.36 9.85
N PRO B 34 37.76 31.30 10.06
CA PRO B 34 37.02 30.50 9.08
C PRO B 34 36.23 31.31 8.03
N GLU B 35 36.54 31.04 6.77
CA GLU B 35 35.89 31.69 5.63
C GLU B 35 34.60 30.97 5.24
N ILE B 36 33.45 31.57 5.52
CA ILE B 36 32.19 30.93 5.19
C ILE B 36 31.88 30.95 3.68
N ILE B 37 32.05 29.80 3.04
CA ILE B 37 31.51 29.58 1.71
C ILE B 37 30.12 29.02 1.89
N TRP B 38 29.27 29.23 0.90
CA TRP B 38 28.00 28.51 0.85
C TRP B 38 28.05 27.58 -0.35
N ILE B 39 27.67 26.34 -0.15
CA ILE B 39 27.77 25.31 -1.18
C ILE B 39 26.46 24.54 -1.22
N ARG B 40 26.30 23.71 -2.26
CA ARG B 40 25.30 22.65 -2.20
C ARG B 40 25.97 21.56 -1.38
N SER B 41 25.18 20.75 -0.69
CA SER B 41 25.75 19.67 0.11
C SER B 41 26.44 18.63 -0.77
N ASP B 42 26.34 18.82 -2.08
CA ASP B 42 27.02 17.96 -3.04
C ASP B 42 28.38 18.54 -3.45
N GLY B 43 29.13 19.02 -2.46
CA GLY B 43 30.48 19.52 -2.68
C GLY B 43 30.56 20.92 -3.25
N THR B 44 29.98 21.10 -4.43
CA THR B 44 30.08 22.35 -5.19
C THR B 44 29.42 23.56 -4.51
N ALA B 45 30.15 24.66 -4.47
CA ALA B 45 29.65 25.90 -3.89
C ALA B 45 28.60 26.55 -4.79
N VAL B 46 27.87 27.51 -4.22
CA VAL B 46 26.78 28.16 -4.93
C VAL B 46 27.22 29.51 -5.49
N GLY B 47 26.66 29.85 -6.66
CA GLY B 47 26.95 31.09 -7.32
C GLY B 47 25.91 32.16 -7.02
N ASP B 48 25.57 32.94 -8.04
CA ASP B 48 24.71 34.10 -7.86
C ASP B 48 23.68 34.17 -8.97
N VAL B 49 22.41 33.98 -8.63
CA VAL B 49 21.32 34.08 -9.60
C VAL B 49 20.62 35.43 -9.51
N PRO B 50 20.82 36.29 -10.51
CA PRO B 50 20.19 37.61 -10.56
C PRO B 50 18.69 37.51 -10.31
N GLY B 51 18.23 38.04 -9.18
CA GLY B 51 16.81 38.16 -8.93
C GLY B 51 16.27 37.21 -7.91
N LEU B 52 17.15 36.33 -7.44
CA LEU B 52 16.82 35.33 -6.41
C LEU B 52 18.03 35.06 -5.52
N ARG B 53 18.66 33.90 -5.70
CA ARG B 53 19.82 33.52 -4.90
C ARG B 53 21.01 34.47 -5.11
N GLN B 54 21.60 34.95 -4.02
CA GLN B 54 22.70 35.92 -4.11
C GLN B 54 23.55 35.94 -2.83
N ILE B 55 24.86 35.79 -3.01
CA ILE B 55 25.76 35.80 -1.85
C ILE B 55 25.87 37.18 -1.25
N SER B 56 25.24 37.35 -0.09
CA SER B 56 25.36 38.57 0.67
C SER B 56 26.79 38.71 1.22
N SER B 57 26.91 39.36 2.36
CA SER B 57 28.20 39.55 3.00
C SER B 57 28.12 39.07 4.45
N ASP B 58 27.45 39.86 5.27
CA ASP B 58 27.39 39.69 6.72
C ASP B 58 26.85 38.32 7.15
N GLY B 59 27.60 37.26 6.87
CA GLY B 59 27.25 35.90 7.27
C GLY B 59 25.86 35.41 6.90
N LYS B 60 25.51 35.51 5.62
CA LYS B 60 24.21 35.02 5.14
C LYS B 60 24.09 34.98 3.60
N LEU B 61 22.96 34.45 3.14
CA LEU B 61 22.71 34.18 1.72
C LEU B 61 21.26 34.51 1.40
N VAL B 62 21.03 35.65 0.75
CA VAL B 62 19.67 36.19 0.63
C VAL B 62 18.89 35.73 -0.61
N PHE B 63 17.67 35.23 -0.34
CA PHE B 63 16.69 34.83 -1.35
C PHE B 63 15.59 35.87 -1.49
N PRO B 64 15.83 36.93 -2.31
CA PRO B 64 14.87 38.00 -2.59
C PRO B 64 13.43 37.53 -2.77
N PRO B 65 12.49 38.35 -2.30
CA PRO B 65 11.08 38.08 -2.62
C PRO B 65 11.04 38.05 -4.13
N PHE B 66 10.33 37.11 -4.75
CA PHE B 66 10.48 36.97 -6.19
C PHE B 66 9.16 36.92 -6.92
N ARG B 67 9.12 37.52 -8.10
CA ARG B 67 7.99 37.36 -9.01
C ARG B 67 7.67 35.88 -9.03
N ALA B 68 6.38 35.54 -8.93
CA ALA B 68 5.94 34.15 -8.90
C ALA B 68 6.41 33.32 -10.10
N GLU B 69 6.99 33.98 -11.09
CA GLU B 69 7.50 33.30 -12.29
C GLU B 69 9.03 33.27 -12.27
N ASP B 70 9.62 33.75 -11.18
CA ASP B 70 11.06 33.66 -10.99
C ASP B 70 11.39 32.51 -10.07
N TYR B 71 10.39 31.68 -9.77
CA TYR B 71 10.66 30.45 -9.05
C TYR B 71 11.29 29.48 -10.03
N ARG B 72 12.39 28.89 -9.60
CA ARG B 72 13.01 27.81 -10.33
C ARG B 72 13.63 26.89 -9.29
N GLN B 73 13.25 25.62 -9.33
CA GLN B 73 13.60 24.69 -8.27
C GLN B 73 15.10 24.56 -8.01
N GLU B 74 15.91 24.73 -9.05
CA GLU B 74 17.36 24.66 -8.96
C GLU B 74 17.90 25.65 -7.92
N VAL B 75 17.06 26.61 -7.55
CA VAL B 75 17.43 27.64 -6.59
C VAL B 75 16.58 27.53 -5.36
N HIS B 76 15.27 27.54 -5.57
CA HIS B 76 14.31 27.73 -4.49
C HIS B 76 13.93 26.45 -3.76
N ALA B 77 14.52 25.32 -4.16
CA ALA B 77 14.22 24.03 -3.52
C ALA B 77 15.41 23.08 -3.54
N GLN B 78 16.41 23.37 -2.71
CA GLN B 78 17.69 22.64 -2.70
C GLN B 78 18.24 22.56 -1.29
N VAL B 79 19.26 21.72 -1.12
CA VAL B 79 20.00 21.64 0.13
C VAL B 79 21.30 22.42 0.04
N TYR B 80 21.47 23.38 0.94
CA TYR B 80 22.67 24.20 0.97
C TYR B 80 23.55 23.84 2.16
N ALA B 81 24.78 24.36 2.16
CA ALA B 81 25.75 23.99 3.17
C ALA B 81 26.81 25.06 3.35
N CYS B 82 26.75 25.74 4.49
CA CYS B 82 27.80 26.65 4.88
C CYS B 82 29.10 25.87 4.90
N LEU B 83 30.01 26.23 4.01
CA LEU B 83 31.35 25.68 4.06
C LEU B 83 32.18 26.53 5.04
N ALA B 84 32.88 25.87 5.96
CA ALA B 84 33.70 26.56 6.95
C ALA B 84 35.16 26.07 6.96
N ARG B 85 36.00 26.79 6.22
CA ARG B 85 37.38 26.38 5.98
C ARG B 85 38.40 27.40 6.47
N ASN B 86 39.51 26.92 7.01
CA ASN B 86 40.66 27.79 7.25
C ASN B 86 41.93 27.18 6.69
N GLN B 87 43.05 27.40 7.34
CA GLN B 87 44.31 26.80 6.91
C GLN B 87 44.49 25.41 7.52
N PHE B 88 43.67 25.07 8.51
CA PHE B 88 43.76 23.77 9.17
C PHE B 88 42.79 22.74 8.62
N GLY B 89 41.95 23.16 7.67
CA GLY B 89 40.98 22.27 7.09
C GLY B 89 39.60 22.89 7.03
N SER B 90 38.64 22.14 6.50
CA SER B 90 37.28 22.65 6.31
C SER B 90 36.24 21.78 7.02
N ILE B 91 35.10 22.40 7.37
CA ILE B 91 33.95 21.68 7.89
C ILE B 91 32.67 22.08 7.13
N ILE B 92 31.68 21.20 7.11
CA ILE B 92 30.44 21.46 6.38
C ILE B 92 29.25 21.55 7.34
N SER B 93 28.53 22.67 7.33
CA SER B 93 27.33 22.81 8.16
C SER B 93 26.29 21.81 7.69
N ARG B 94 25.51 21.28 8.63
CA ARG B 94 24.48 20.29 8.29
C ARG B 94 23.50 20.74 7.20
N ASP B 95 22.83 19.76 6.61
CA ASP B 95 21.81 20.00 5.59
C ASP B 95 20.89 21.13 6.01
N VAL B 96 20.87 22.19 5.21
CA VAL B 96 19.88 23.25 5.42
C VAL B 96 18.97 23.39 4.21
N HIS B 97 17.70 23.07 4.41
CA HIS B 97 16.72 23.02 3.34
C HIS B 97 16.11 24.39 3.01
N VAL B 98 16.46 24.90 1.84
CA VAL B 98 15.81 26.11 1.33
C VAL B 98 14.49 25.68 0.71
N ARG B 99 13.40 26.30 1.16
CA ARG B 99 12.11 26.03 0.54
C ARG B 99 11.33 27.33 0.38
N ALA B 100 11.57 27.96 -0.76
CA ALA B 100 10.79 29.10 -1.20
C ALA B 100 9.49 28.56 -1.77
N VAL B 101 8.40 29.25 -1.50
CA VAL B 101 7.09 28.77 -1.91
C VAL B 101 6.28 29.91 -2.51
N VAL B 102 5.66 29.63 -3.65
CA VAL B 102 4.74 30.59 -4.25
C VAL B 102 3.41 30.59 -3.52
N ILE B 103 3.14 31.68 -2.80
CA ILE B 103 1.87 31.83 -2.15
C ILE B 103 0.83 31.52 -3.20
N GLN B 104 -0.16 30.71 -2.87
CA GLN B 104 -1.16 30.35 -3.84
C GLN B 104 -2.51 30.19 -3.18
N SER B 105 -3.55 30.29 -3.98
CA SER B 105 -4.90 30.25 -3.48
C SER B 105 -5.22 28.93 -2.79
N TYR B 106 -5.17 28.93 -1.46
CA TYR B 106 -5.52 27.75 -0.69
C TYR B 106 -6.86 27.93 0.01
N GLU B 107 -7.48 26.81 0.36
CA GLU B 107 -8.62 26.79 1.29
C GLU B 107 -9.02 25.38 1.69
N SER B 108 -9.28 25.21 2.99
CA SER B 108 -9.63 23.91 3.56
C SER B 108 -11.13 23.65 3.54
N GLU B 109 -11.51 22.38 3.58
CA GLU B 109 -12.93 22.09 3.59
C GLU B 109 -13.29 21.22 4.79
N ALA B 110 -14.56 21.28 5.15
CA ALA B 110 -15.10 20.49 6.23
C ALA B 110 -16.21 19.66 5.62
N ASP B 111 -16.02 18.33 5.58
CA ASP B 111 -16.96 17.43 4.93
C ASP B 111 -18.05 17.01 5.88
N ASN B 112 -19.04 16.30 5.37
CA ASN B 112 -19.97 15.61 6.26
C ASN B 112 -19.35 14.32 6.67
N GLU B 113 -19.60 13.95 7.91
CA GLU B 113 -19.26 12.61 8.34
C GLU B 113 -20.60 11.91 8.43
N TYR B 114 -20.65 10.69 7.91
CA TYR B 114 -21.87 9.89 7.91
C TYR B 114 -21.74 8.90 9.04
N VAL B 115 -22.68 8.92 9.97
CA VAL B 115 -22.53 8.14 11.20
C VAL B 115 -23.74 7.31 11.56
N ILE B 116 -23.48 6.10 12.04
CA ILE B 116 -24.54 5.27 12.62
C ILE B 116 -24.96 5.79 13.99
N ARG B 117 -26.19 6.27 14.11
CA ARG B 117 -26.70 6.80 15.38
C ARG B 117 -26.08 6.12 16.59
N GLY B 118 -25.50 6.91 17.48
CA GLY B 118 -24.86 6.37 18.68
C GLY B 118 -23.33 6.24 18.64
N ASN B 119 -22.78 6.01 17.46
CA ASN B 119 -21.34 5.96 17.30
C ASN B 119 -20.61 7.32 17.40
N SER B 120 -19.29 7.24 17.44
CA SER B 120 -18.44 8.40 17.59
C SER B 120 -17.98 8.77 16.21
N VAL B 121 -17.28 9.87 16.10
CA VAL B 121 -16.85 10.36 14.80
C VAL B 121 -15.64 11.27 14.92
N VAL B 122 -14.87 11.34 13.84
CA VAL B 122 -13.69 12.16 13.79
C VAL B 122 -13.62 12.93 12.47
N MET B 123 -13.76 14.25 12.59
CA MET B 123 -13.70 15.12 11.42
C MET B 123 -12.32 15.74 11.27
N LYS B 124 -11.74 15.58 10.08
CA LYS B 124 -10.54 16.33 9.74
C LYS B 124 -10.93 17.42 8.75
N CYS B 125 -10.11 18.45 8.61
CA CYS B 125 -10.33 19.36 7.47
C CYS B 125 -9.29 19.21 6.38
N GLU B 126 -9.69 19.44 5.15
CA GLU B 126 -8.92 18.94 4.02
C GLU B 126 -7.91 19.91 3.43
N ILE B 127 -7.04 20.41 4.29
CA ILE B 127 -5.88 21.20 3.90
C ILE B 127 -5.08 20.58 2.76
N PRO B 128 -5.34 21.01 1.50
CA PRO B 128 -4.62 20.45 0.35
C PRO B 128 -3.11 20.30 0.58
N SER B 129 -2.54 19.29 -0.05
CA SER B 129 -1.18 18.83 0.20
C SER B 129 -0.10 19.90 0.02
N TYR B 130 -0.27 20.74 -0.98
CA TYR B 130 0.79 21.66 -1.36
C TYR B 130 1.09 22.71 -0.28
N VAL B 131 0.03 23.10 0.44
CA VAL B 131 0.12 24.06 1.54
C VAL B 131 0.13 23.32 2.87
N ALA B 132 -0.28 22.06 2.80
CA ALA B 132 -0.50 21.21 3.97
C ALA B 132 0.69 21.24 4.91
N ASP B 133 1.85 21.58 4.36
CA ASP B 133 3.05 21.56 5.16
C ASP B 133 3.11 22.77 6.07
N PHE B 134 2.31 23.79 5.75
CA PHE B 134 2.32 25.05 6.49
C PHE B 134 0.94 25.63 6.79
N VAL B 135 -0.09 24.79 6.69
CA VAL B 135 -1.45 25.17 7.07
C VAL B 135 -2.07 24.12 8.00
N PHE B 136 -2.37 24.55 9.23
CA PHE B 136 -2.78 23.65 10.28
C PHE B 136 -3.98 24.18 11.06
N VAL B 137 -4.93 23.31 11.37
CA VAL B 137 -6.15 23.70 12.04
C VAL B 137 -5.88 24.33 13.38
N ASP B 138 -6.58 25.43 13.69
CA ASP B 138 -6.43 26.09 14.98
C ASP B 138 -7.77 26.42 15.61
N LEU B 139 -8.86 25.96 14.98
CA LEU B 139 -10.20 26.15 15.53
C LEU B 139 -11.27 25.23 14.91
N TRP B 140 -12.46 25.23 15.50
CA TRP B 140 -13.67 24.60 14.95
C TRP B 140 -14.82 25.45 15.42
N LEU B 141 -15.93 25.43 14.68
CA LEU B 141 -17.01 26.36 14.95
C LEU B 141 -18.36 25.74 14.62
N ASP B 142 -19.34 25.94 15.48
CA ASP B 142 -20.72 25.56 15.23
C ASP B 142 -21.43 26.63 14.43
N SER B 143 -22.52 26.24 13.78
CA SER B 143 -23.37 27.24 13.20
C SER B 143 -24.21 27.84 14.31
N GLU B 144 -23.89 27.51 15.55
CA GLU B 144 -24.82 27.79 16.63
C GLU B 144 -24.10 28.38 17.81
N GLY B 145 -22.93 28.95 17.55
CA GLY B 145 -22.23 29.72 18.55
C GLY B 145 -20.90 29.18 19.01
N ARG B 146 -20.77 27.86 19.05
CA ARG B 146 -19.71 27.20 19.78
C ARG B 146 -18.35 27.19 19.08
N ASN B 147 -17.34 27.13 19.91
CA ASN B 147 -15.95 27.09 19.49
C ASN B 147 -15.28 25.86 20.14
N TYR B 148 -14.41 25.20 19.38
CA TYR B 148 -13.75 24.04 19.92
C TYR B 148 -12.25 24.25 19.79
N TYR B 149 -11.63 24.79 20.84
CA TYR B 149 -10.22 25.18 20.77
C TYR B 149 -9.28 23.99 20.89
N PRO B 150 -8.21 23.98 20.10
CA PRO B 150 -7.13 23.01 20.26
C PRO B 150 -6.57 23.04 21.68
N ASN B 151 -5.79 22.03 22.01
CA ASN B 151 -5.21 21.94 23.33
C ASN B 151 -4.10 20.92 23.24
N ASN B 152 -3.41 20.71 24.36
CA ASN B 152 -2.44 19.62 24.42
C ASN B 152 -3.09 18.43 25.14
N ALA B 153 -4.41 18.32 24.97
CA ALA B 153 -5.20 17.25 25.57
C ALA B 153 -5.49 17.49 27.05
N ALA B 154 -5.92 18.72 27.38
CA ALA B 154 -6.23 19.10 28.75
C ALA B 154 -7.35 18.24 29.36
N GLU B 155 -8.57 18.41 28.86
CA GLU B 155 -9.72 17.64 29.35
C GLU B 155 -9.88 16.39 28.52
N THR B 156 -10.65 15.43 29.05
CA THR B 156 -10.87 14.15 28.38
C THR B 156 -12.32 13.70 28.44
N ASP B 157 -12.92 13.85 29.62
CA ASP B 157 -14.29 13.40 29.82
C ASP B 157 -15.26 14.39 29.20
N GLY B 158 -15.57 14.18 27.92
CA GLY B 158 -16.57 15.00 27.26
C GLY B 158 -16.87 14.59 25.83
N LYS B 159 -18.07 14.93 25.38
CA LYS B 159 -18.47 14.68 23.98
C LYS B 159 -17.49 15.22 22.91
N TYR B 160 -17.00 16.44 23.09
CA TYR B 160 -16.07 16.97 22.12
C TYR B 160 -14.61 17.00 22.55
N LEU B 161 -13.73 16.78 21.59
CA LEU B 161 -12.29 16.90 21.79
C LEU B 161 -11.65 17.29 20.48
N VAL B 162 -10.69 18.21 20.52
CA VAL B 162 -9.80 18.38 19.39
C VAL B 162 -8.52 17.59 19.67
N LEU B 163 -8.28 16.61 18.83
CA LEU B 163 -7.11 15.80 18.98
C LEU B 163 -5.86 16.66 18.83
N PRO B 164 -4.76 16.25 19.46
CA PRO B 164 -3.45 16.81 19.16
C PRO B 164 -3.29 17.13 17.71
N SER B 165 -3.88 16.32 16.82
CA SER B 165 -3.69 16.52 15.38
C SER B 165 -4.78 17.38 14.73
N GLY B 166 -5.53 18.09 15.54
CA GLY B 166 -6.49 19.04 15.03
C GLY B 166 -7.77 18.51 14.42
N GLU B 167 -8.09 17.24 14.60
CA GLU B 167 -9.42 16.74 14.22
C GLU B 167 -10.36 16.89 15.39
N LEU B 168 -11.64 17.07 15.08
CA LEU B 168 -12.63 17.22 16.12
C LEU B 168 -13.26 15.85 16.38
N HIS B 169 -13.10 15.34 17.60
CA HIS B 169 -13.53 13.99 17.92
C HIS B 169 -14.81 13.98 18.74
N ILE B 170 -15.92 13.71 18.07
CA ILE B 170 -17.18 13.69 18.77
C ILE B 170 -17.35 12.31 19.37
N ARG B 171 -17.70 12.28 20.65
CA ARG B 171 -17.65 11.07 21.44
C ARG B 171 -18.79 10.14 21.08
N GLU B 172 -19.86 10.73 20.57
CA GLU B 172 -21.07 10.01 20.28
C GLU B 172 -21.96 10.94 19.49
N VAL B 173 -22.94 10.39 18.81
CA VAL B 173 -23.72 11.18 17.88
C VAL B 173 -25.20 10.81 17.94
N GLY B 174 -26.01 11.67 18.59
CA GLY B 174 -27.45 11.57 18.50
C GLY B 174 -27.92 12.18 17.20
N PRO B 175 -29.15 11.86 16.76
CA PRO B 175 -29.74 12.39 15.51
C PRO B 175 -29.94 13.89 15.64
N GLU B 176 -30.13 14.31 16.88
CA GLU B 176 -30.12 15.69 17.31
C GLU B 176 -28.82 16.41 16.97
N ASP B 177 -28.06 15.89 16.02
CA ASP B 177 -26.78 16.47 15.70
C ASP B 177 -26.71 16.77 14.22
N GLY B 178 -27.81 16.44 13.54
CA GLY B 178 -27.90 16.62 12.10
C GLY B 178 -28.48 17.96 11.69
N TYR B 179 -28.73 18.84 12.66
CA TYR B 179 -29.15 20.20 12.34
C TYR B 179 -28.16 21.17 12.96
N LYS B 180 -27.15 21.58 12.19
CA LYS B 180 -25.98 22.22 12.78
C LYS B 180 -24.76 22.04 11.87
N SER B 181 -24.04 23.12 11.60
CA SER B 181 -22.89 22.99 10.73
C SER B 181 -21.59 23.19 11.49
N TYR B 182 -20.50 22.73 10.89
CA TYR B 182 -19.20 22.85 11.52
C TYR B 182 -18.24 23.35 10.48
N GLN B 183 -17.43 24.33 10.80
CA GLN B 183 -16.40 24.72 9.87
C GLN B 183 -15.13 24.66 10.64
N CYS B 184 -14.02 24.40 9.96
CA CYS B 184 -12.73 24.44 10.61
C CYS B 184 -11.96 25.68 10.15
N ARG B 185 -10.87 25.99 10.84
CA ARG B 185 -10.15 27.22 10.59
C ARG B 185 -8.66 27.04 10.82
N THR B 186 -7.93 26.89 9.73
CA THR B 186 -6.50 26.72 9.80
C THR B 186 -5.89 28.08 10.02
N LYS B 187 -4.57 28.10 10.11
CA LYS B 187 -3.81 29.34 10.03
C LYS B 187 -2.49 28.99 9.35
N HIS B 188 -1.92 29.98 8.67
CA HIS B 188 -0.71 29.79 7.87
C HIS B 188 0.56 30.05 8.70
N ARG B 189 1.46 29.08 8.76
CA ARG B 189 2.63 29.27 9.62
C ARG B 189 3.60 30.28 9.06
N LEU B 190 3.40 30.65 7.79
CA LEU B 190 4.28 31.61 7.14
C LEU B 190 3.63 32.99 6.97
N THR B 191 2.69 33.12 6.03
CA THR B 191 1.94 34.36 5.87
C THR B 191 1.39 34.85 7.21
N GLY B 192 0.74 33.97 7.95
CA GLY B 192 0.07 34.39 9.17
C GLY B 192 -1.41 34.49 8.92
N GLU B 193 -1.88 34.01 7.77
CA GLU B 193 -3.29 34.18 7.46
C GLU B 193 -4.21 33.15 8.09
N THR B 194 -5.02 33.64 9.04
CA THR B 194 -6.10 32.83 9.56
C THR B 194 -7.18 32.87 8.52
N ARG B 195 -7.68 31.72 8.13
CA ARG B 195 -8.87 31.69 7.29
C ARG B 195 -9.73 30.46 7.50
N LEU B 196 -11.04 30.67 7.44
CA LEU B 196 -12.01 29.60 7.57
C LEU B 196 -11.98 28.65 6.38
N SER B 197 -12.96 27.76 6.33
CA SER B 197 -12.96 26.72 5.31
C SER B 197 -14.03 27.02 4.26
N ALA B 198 -13.69 26.73 3.00
CA ALA B 198 -14.61 27.00 1.91
C ALA B 198 -16.00 26.48 2.21
N THR B 199 -16.11 25.31 2.82
CA THR B 199 -17.43 24.80 3.21
C THR B 199 -17.45 24.22 4.61
N LYS B 200 -18.66 24.05 5.14
CA LYS B 200 -18.82 23.50 6.47
C LYS B 200 -19.68 22.23 6.51
N GLY B 201 -19.15 21.18 7.14
CA GLY B 201 -19.80 19.88 7.19
C GLY B 201 -20.89 19.58 8.22
N ARG B 202 -21.92 18.89 7.75
CA ARG B 202 -23.06 18.51 8.57
C ARG B 202 -22.95 17.06 8.99
N LEU B 203 -23.47 16.76 10.19
CA LEU B 203 -23.44 15.38 10.69
C LEU B 203 -24.65 14.58 10.19
N VAL B 204 -24.39 13.49 9.51
CA VAL B 204 -25.45 12.65 8.98
C VAL B 204 -25.71 11.38 9.81
N ILE B 205 -26.65 11.49 10.74
CA ILE B 205 -27.04 10.36 11.58
C ILE B 205 -27.87 9.39 10.76
N THR B 206 -27.50 8.12 10.81
CA THR B 206 -28.22 7.09 10.08
C THR B 206 -28.68 6.06 11.11
N GLU B 207 -29.99 6.01 11.36
CA GLU B 207 -30.53 5.06 12.33
C GLU B 207 -30.45 3.66 11.75
N PRO B 208 -30.05 2.68 12.57
CA PRO B 208 -29.78 1.32 12.10
C PRO B 208 -30.98 0.40 12.29
N VAL B 209 -31.09 -0.59 11.42
CA VAL B 209 -32.09 -1.63 11.62
C VAL B 209 -31.44 -2.90 12.16
N GLY B 210 -32.00 -3.37 13.27
CA GLY B 210 -31.50 -4.54 13.95
C GLY B 210 -30.09 -4.38 14.47
N SER B 211 -29.13 -4.75 13.64
CA SER B 211 -27.75 -4.79 14.04
C SER B 211 -26.82 -4.56 12.86
N VAL B 212 -25.53 -4.55 13.16
CA VAL B 212 -24.47 -4.42 12.18
C VAL B 212 -23.12 -4.67 12.84
N ARG B 213 -22.21 -4.34 12.78
CA ARG B 213 -21.05 -5.21 12.85
C ARG B 213 -19.80 -4.37 12.78
N PRO B 214 -18.96 -4.53 13.21
CA PRO B 214 -18.04 -3.41 13.11
C PRO B 214 -17.10 -3.61 11.95
N LYS B 215 -16.88 -2.58 11.15
CA LYS B 215 -15.77 -2.65 10.20
C LYS B 215 -15.16 -1.28 9.87
N VAL B 216 -14.03 -1.32 9.15
CA VAL B 216 -13.10 -0.21 9.06
C VAL B 216 -12.61 0.04 7.63
N ASN B 217 -12.41 1.30 7.27
CA ASN B 217 -11.91 1.62 5.95
C ASN B 217 -10.42 1.37 5.88
N PRO B 218 -9.93 0.81 4.76
CA PRO B 218 -8.55 0.35 4.57
C PRO B 218 -7.48 1.33 5.05
N GLN B 219 -7.71 2.61 4.81
CA GLN B 219 -6.76 3.63 5.20
C GLN B 219 -6.87 3.97 6.69
N ASP B 220 -7.69 3.20 7.40
CA ASP B 220 -7.79 3.31 8.85
C ASP B 220 -7.33 2.03 9.54
N LYS B 221 -7.14 1.00 8.74
CA LYS B 221 -6.80 -0.30 9.29
C LYS B 221 -5.30 -0.47 9.59
N HIS B 222 -4.47 0.41 9.06
CA HIS B 222 -3.02 0.27 9.26
C HIS B 222 -2.35 1.60 9.38
N GLN B 223 -2.14 2.04 10.60
CA GLN B 223 -1.76 3.40 10.82
C GLN B 223 -0.31 3.50 11.25
N PHE B 224 0.30 4.61 10.87
CA PHE B 224 1.66 4.91 11.27
C PHE B 224 1.59 6.30 11.86
N ILE B 225 2.27 6.50 12.98
CA ILE B 225 2.18 7.75 13.69
C ILE B 225 3.54 8.12 14.28
N ASP B 226 3.93 9.38 14.10
CA ASP B 226 5.18 9.87 14.66
C ASP B 226 4.87 11.08 15.51
N VAL B 227 5.44 11.12 16.70
CA VAL B 227 5.35 12.32 17.54
C VAL B 227 6.67 12.56 18.26
N GLU B 228 6.86 13.76 18.77
CA GLU B 228 8.10 14.07 19.43
C GLU B 228 7.91 13.90 20.93
N LEU B 229 9.02 13.70 21.62
CA LEU B 229 9.03 13.55 23.05
C LEU B 229 8.26 14.66 23.78
N ALA B 230 7.68 14.31 24.93
CA ALA B 230 7.05 15.27 25.83
C ALA B 230 5.86 16.00 25.22
N SER B 231 5.57 15.73 23.96
CA SER B 231 4.40 16.30 23.29
C SER B 231 3.22 15.34 23.40
N SER B 232 2.03 15.81 23.03
CA SER B 232 0.84 15.00 23.18
C SER B 232 0.32 14.52 21.84
N TYR B 233 -0.28 13.33 21.83
CA TYR B 233 -0.77 12.71 20.61
C TYR B 233 -1.92 11.78 20.94
N SER B 234 -2.37 11.03 19.94
CA SER B 234 -3.47 10.10 20.15
C SER B 234 -3.41 8.99 19.14
N LEU B 235 -3.88 7.82 19.55
CA LEU B 235 -3.91 6.67 18.68
C LEU B 235 -5.36 6.48 18.31
N LEU B 236 -5.63 6.15 17.05
CA LEU B 236 -7.02 6.07 16.62
C LEU B 236 -7.47 4.67 16.31
N CYS B 237 -8.77 4.48 16.45
CA CYS B 237 -9.38 3.20 16.17
C CYS B 237 -10.75 3.47 15.56
N MET B 238 -10.75 3.68 14.25
CA MET B 238 -11.92 4.15 13.51
C MET B 238 -12.89 3.03 13.15
N ALA B 239 -13.77 2.67 14.08
CA ALA B 239 -14.74 1.62 13.80
C ALA B 239 -16.18 2.00 14.15
N GLN B 240 -17.15 1.55 13.36
CA GLN B 240 -18.54 1.78 13.72
C GLN B 240 -19.24 0.45 13.88
N SER B 241 -20.49 0.45 14.35
CA SER B 241 -21.21 -0.79 14.64
C SER B 241 -22.44 -0.62 15.53
N TYR B 242 -23.54 -1.24 15.13
CA TYR B 242 -24.72 -1.28 15.99
C TYR B 242 -25.05 -2.69 16.38
N PRO B 243 -25.23 -2.95 17.68
CA PRO B 243 -25.00 -2.01 18.77
C PRO B 243 -23.57 -1.57 18.84
N THR B 244 -23.31 -0.64 19.73
CA THR B 244 -22.03 0.02 19.76
C THR B 244 -20.92 -0.85 20.32
N PRO B 245 -19.79 -0.89 19.63
CA PRO B 245 -18.61 -1.69 19.86
C PRO B 245 -17.84 -1.37 21.12
N SER B 246 -16.97 -2.31 21.49
CA SER B 246 -16.03 -2.19 22.58
C SER B 246 -14.66 -2.16 21.94
N PHE B 247 -13.84 -1.18 22.31
CA PHE B 247 -12.52 -1.04 21.70
C PHE B 247 -11.50 -1.48 22.72
N ARG B 248 -10.56 -2.33 22.33
CA ARG B 248 -9.54 -2.79 23.28
C ARG B 248 -8.10 -2.61 22.83
N TRP B 249 -7.45 -1.65 23.47
CA TRP B 249 -6.08 -1.31 23.13
C TRP B 249 -5.05 -2.20 23.84
N TYR B 250 -4.16 -2.80 23.06
CA TYR B 250 -3.09 -3.59 23.61
C TYR B 250 -1.79 -3.13 22.99
N LYS B 251 -0.72 -3.09 23.75
CA LYS B 251 0.61 -2.95 23.16
C LYS B 251 1.25 -4.31 22.98
N PHE B 252 1.96 -4.49 21.87
CA PHE B 252 2.73 -5.71 21.66
C PHE B 252 4.05 -5.70 22.44
N ILE B 253 4.58 -6.89 22.74
CA ILE B 253 5.91 -6.98 23.29
C ILE B 253 6.87 -7.16 22.13
N GLU B 254 7.96 -6.40 22.16
CA GLU B 254 8.81 -6.26 20.98
C GLU B 254 9.30 -7.58 20.37
N GLY B 255 8.95 -7.77 19.11
CA GLY B 255 9.38 -8.94 18.36
C GLY B 255 8.69 -10.21 18.77
N THR B 256 7.45 -10.10 19.27
CA THR B 256 6.65 -11.27 19.60
C THR B 256 5.24 -11.09 19.05
N THR B 257 4.45 -12.17 19.06
CA THR B 257 3.07 -12.06 18.64
C THR B 257 2.22 -12.00 19.88
N ARG B 258 2.87 -12.14 21.03
CA ARG B 258 2.19 -11.93 22.29
C ARG B 258 2.04 -10.43 22.47
N LYS B 259 1.09 -10.04 23.31
CA LYS B 259 0.76 -8.62 23.48
C LYS B 259 0.38 -8.31 24.93
N GLN B 260 -0.03 -7.08 25.18
CA GLN B 260 -0.24 -6.65 26.54
C GLN B 260 -1.18 -5.47 26.57
N ALA B 261 -2.32 -5.62 27.25
CA ALA B 261 -3.31 -4.57 27.24
C ALA B 261 -2.73 -3.24 27.70
N VAL B 262 -3.15 -2.18 27.03
CA VAL B 262 -2.72 -0.81 27.33
C VAL B 262 -3.40 -0.35 28.60
N VAL B 263 -2.62 -0.06 29.63
CA VAL B 263 -3.20 0.36 30.90
C VAL B 263 -3.57 1.84 30.80
N LEU B 264 -4.72 2.22 31.37
CA LEU B 264 -5.14 3.62 31.35
C LEU B 264 -4.78 4.36 32.63
N ASN B 265 -4.53 5.66 32.51
CA ASN B 265 -4.21 6.50 33.66
C ASN B 265 -4.42 7.99 33.43
N ASP B 266 -3.72 8.82 34.20
CA ASP B 266 -3.82 10.27 34.06
C ASP B 266 -3.13 10.68 32.78
N ARG B 267 -2.22 9.83 32.34
CA ARG B 267 -1.38 10.06 31.18
C ARG B 267 -2.01 9.45 29.94
N VAL B 268 -2.44 8.21 30.09
CA VAL B 268 -3.03 7.46 29.01
C VAL B 268 -4.55 7.34 29.15
N LYS B 269 -5.27 8.09 28.34
CA LYS B 269 -6.72 8.05 28.42
C LYS B 269 -7.43 7.58 27.12
N GLN B 270 -8.56 6.90 27.27
CA GLN B 270 -9.29 6.45 26.10
C GLN B 270 -10.69 6.99 26.07
N VAL B 271 -11.01 7.70 25.01
CA VAL B 271 -12.37 8.06 24.70
C VAL B 271 -12.74 7.13 23.57
N SER B 272 -13.40 6.02 23.89
CA SER B 272 -13.43 4.88 22.99
C SER B 272 -14.02 5.26 21.64
N GLY B 273 -13.33 4.74 20.63
CA GLY B 273 -12.20 3.88 20.91
C GLY B 273 -10.83 4.49 20.64
N THR B 274 -10.66 5.75 20.98
CA THR B 274 -9.41 6.44 20.74
C THR B 274 -8.51 6.55 21.96
N LEU B 275 -7.23 6.34 21.76
CA LEU B 275 -6.27 6.64 22.81
C LEU B 275 -5.76 8.05 22.70
N ILE B 276 -5.55 8.69 23.84
CA ILE B 276 -5.11 10.06 23.88
C ILE B 276 -4.10 10.19 25.01
N ILE B 277 -2.88 10.60 24.67
CA ILE B 277 -1.71 10.55 25.54
C ILE B 277 -0.86 11.84 25.60
N LYS B 278 -0.41 12.22 26.80
CA LYS B 278 0.50 13.35 26.94
C LYS B 278 1.87 12.91 27.49
N ASP B 279 2.88 13.76 27.36
CA ASP B 279 4.23 13.47 27.85
C ASP B 279 4.93 12.39 27.04
N ALA B 280 4.67 12.36 25.73
CA ALA B 280 5.11 11.25 24.88
C ALA B 280 6.51 10.73 25.18
N VAL B 281 6.63 9.88 26.20
CA VAL B 281 7.93 9.31 26.53
C VAL B 281 8.42 8.33 25.46
N VAL B 282 9.70 7.99 25.50
CA VAL B 282 10.31 7.19 24.44
C VAL B 282 10.03 5.69 24.48
N GLU B 283 9.67 5.15 25.66
CA GLU B 283 9.26 3.76 25.70
C GLU B 283 8.00 3.64 24.89
N ASP B 284 7.24 4.73 24.82
CA ASP B 284 5.96 4.68 24.17
C ASP B 284 6.02 4.12 22.75
N SER B 285 7.14 4.30 22.07
CA SER B 285 7.24 3.80 20.71
C SER B 285 6.85 2.33 20.67
N GLY B 286 6.64 1.78 19.48
CA GLY B 286 6.25 0.38 19.37
C GLY B 286 4.99 0.16 18.55
N LYS B 287 4.46 -1.06 18.64
CA LYS B 287 3.26 -1.43 17.88
C LYS B 287 2.06 -1.67 18.79
N TYR B 288 0.90 -1.25 18.31
CA TYR B 288 -0.32 -1.32 19.10
C TYR B 288 -1.42 -1.97 18.30
N LEU B 289 -2.30 -2.67 18.99
CA LEU B 289 -3.44 -3.25 18.33
C LEU B 289 -4.73 -2.83 19.02
N CYS B 290 -5.69 -2.36 18.23
CA CYS B 290 -6.99 -2.01 18.75
C CYS B 290 -7.91 -3.13 18.36
N VAL B 291 -8.65 -3.66 19.32
CA VAL B 291 -9.50 -4.81 19.07
C VAL B 291 -10.93 -4.41 19.38
N VAL B 292 -11.77 -4.40 18.34
CA VAL B 292 -13.15 -3.96 18.49
C VAL B 292 -14.17 -5.07 18.20
N ASN B 293 -15.21 -5.12 19.03
CA ASN B 293 -16.11 -6.27 19.14
C ASN B 293 -17.57 -5.95 19.46
N ASN B 294 -18.50 -6.53 18.72
CA ASN B 294 -19.87 -6.55 19.21
C ASN B 294 -20.54 -7.88 18.88
N SER B 295 -21.76 -8.05 19.37
CA SER B 295 -22.46 -9.32 19.29
C SER B 295 -22.56 -9.87 17.88
N VAL B 296 -22.29 -9.05 16.89
CA VAL B 296 -22.46 -9.45 15.50
C VAL B 296 -21.11 -9.76 14.83
N GLY B 297 -20.05 -9.14 15.31
CA GLY B 297 -18.78 -9.34 14.65
C GLY B 297 -17.67 -8.57 15.32
N GLY B 298 -16.47 -8.72 14.76
CA GLY B 298 -15.27 -8.15 15.33
C GLY B 298 -14.45 -7.45 14.27
N GLU B 299 -13.28 -6.96 14.67
CA GLU B 299 -12.41 -6.19 13.79
C GLU B 299 -11.20 -5.69 14.59
N SER B 300 -10.18 -5.15 13.92
CA SER B 300 -8.95 -4.71 14.58
C SER B 300 -8.17 -3.69 13.77
N VAL B 301 -7.30 -2.91 14.43
CA VAL B 301 -6.41 -2.01 13.68
C VAL B 301 -4.96 -1.90 14.26
N GLU B 302 -3.97 -2.31 13.48
CA GLU B 302 -2.62 -2.18 13.96
C GLU B 302 -2.20 -0.76 13.76
N THR B 303 -1.21 -0.35 14.55
CA THR B 303 -0.77 1.03 14.57
C THR B 303 0.69 1.02 15.01
N VAL B 304 1.49 1.88 14.40
CA VAL B 304 2.92 1.88 14.69
C VAL B 304 3.41 3.21 15.23
N LEU B 305 3.79 3.20 16.49
CA LEU B 305 4.16 4.41 17.20
C LEU B 305 5.66 4.63 17.17
N THR B 306 6.09 5.78 16.63
CA THR B 306 7.51 6.11 16.58
C THR B 306 7.80 7.46 17.21
N VAL B 307 7.86 7.48 18.54
CA VAL B 307 8.19 8.72 19.26
C VAL B 307 9.63 9.13 18.93
N THR B 308 9.83 10.42 18.66
CA THR B 308 11.14 10.91 18.24
C THR B 308 11.74 11.91 19.22
N ALA B 309 13.07 12.00 19.20
CA ALA B 309 13.80 12.89 20.07
C ALA B 309 14.75 13.76 19.23
N PRO B 310 15.34 14.79 19.87
CA PRO B 310 16.28 15.67 19.18
C PRO B 310 17.69 15.07 19.20
N LEU B 311 18.06 14.39 18.12
CA LEU B 311 19.35 13.70 18.05
C LEU B 311 20.53 14.67 18.05
N SER B 312 21.74 14.15 18.21
CA SER B 312 22.96 14.96 18.27
C SER B 312 24.21 14.19 17.84
N ALA B 313 25.26 14.93 17.46
CA ALA B 313 26.57 14.33 17.22
C ALA B 313 27.69 15.23 17.75
N LYS B 314 28.62 14.61 18.48
CA LYS B 314 29.77 15.29 19.07
C LYS B 314 30.87 14.24 19.18
N ILE B 315 32.09 14.58 18.76
CA ILE B 315 33.22 13.63 18.82
C ILE B 315 34.00 13.68 20.16
N ASP B 316 34.93 12.73 20.33
CA ASP B 316 35.61 12.53 21.60
C ASP B 316 37.10 12.23 21.38
N PRO B 317 37.97 13.26 21.42
CA PRO B 317 37.74 14.70 21.65
C PRO B 317 37.64 15.55 20.36
N PRO B 318 37.26 16.84 20.49
CA PRO B 318 37.07 17.77 19.36
C PRO B 318 38.38 18.19 18.74
N THR B 319 39.48 17.93 19.46
CA THR B 319 40.82 18.22 19.00
C THR B 319 41.79 17.18 19.58
N GLN B 320 42.48 16.45 18.70
CA GLN B 320 43.55 15.56 19.14
C GLN B 320 44.80 15.75 18.29
N THR B 321 45.85 16.31 18.90
CA THR B 321 47.17 16.33 18.28
C THR B 321 47.86 15.00 18.56
N VAL B 322 48.20 14.28 17.50
CA VAL B 322 48.77 12.94 17.64
C VAL B 322 50.28 12.90 17.73
N ASP B 323 50.79 11.73 17.36
CA ASP B 323 52.20 11.44 17.30
C ASP B 323 52.30 10.58 16.03
N PHE B 324 53.39 10.71 15.29
CA PHE B 324 53.43 10.28 13.89
C PHE B 324 53.24 8.79 13.60
N GLY B 325 52.01 8.29 13.73
CA GLY B 325 51.69 6.90 13.45
C GLY B 325 50.95 6.26 14.61
N ARG B 326 50.03 7.01 15.20
CA ARG B 326 49.40 6.64 16.46
C ARG B 326 47.99 6.06 16.30
N PRO B 327 47.32 5.78 17.42
CA PRO B 327 45.90 5.39 17.43
C PRO B 327 44.98 6.53 16.98
N ALA B 328 43.70 6.39 17.27
CA ALA B 328 42.72 7.43 16.97
C ALA B 328 41.46 7.23 17.82
N VAL B 329 41.41 7.92 18.96
CA VAL B 329 40.24 7.93 19.82
C VAL B 329 39.24 8.95 19.30
N PHE B 330 38.31 8.49 18.47
CA PHE B 330 37.36 9.38 17.83
C PHE B 330 35.90 8.94 18.05
N THR B 331 35.55 8.66 19.30
CA THR B 331 34.19 8.29 19.67
C THR B 331 33.28 9.52 19.54
N CYS B 332 31.96 9.32 19.62
CA CYS B 332 31.01 10.44 19.58
C CYS B 332 29.84 10.33 20.60
N GLN B 333 29.78 11.30 21.51
CA GLN B 333 28.72 11.38 22.53
C GLN B 333 27.33 11.57 21.89
N TYR B 334 26.26 11.21 22.60
CA TYR B 334 24.92 11.23 21.99
C TYR B 334 23.68 11.18 22.91
N THR B 335 22.57 11.68 22.36
CA THR B 335 21.19 11.36 22.75
C THR B 335 20.31 11.78 21.56
N GLY B 336 19.15 11.17 21.42
CA GLY B 336 18.30 11.48 20.29
C GLY B 336 17.81 10.22 19.61
N ASN B 337 16.97 10.38 18.60
CA ASN B 337 16.21 9.26 18.07
C ASN B 337 15.20 9.80 17.08
N PRO B 338 15.08 9.15 15.91
CA PRO B 338 15.84 7.98 15.51
C PRO B 338 17.06 8.36 14.67
N ILE B 339 18.07 7.49 14.67
CA ILE B 339 19.19 7.61 13.75
C ILE B 339 18.98 6.64 12.59
N LYS B 340 19.00 7.16 11.36
CA LYS B 340 18.84 6.30 10.18
C LYS B 340 20.19 5.91 9.61
N THR B 341 21.22 6.64 10.05
CA THR B 341 22.63 6.26 9.92
C THR B 341 23.56 7.45 10.14
N VAL B 342 24.55 7.24 10.99
CA VAL B 342 25.60 8.21 11.22
C VAL B 342 26.61 8.17 10.06
N SER B 343 27.26 9.29 9.78
CA SER B 343 28.24 9.36 8.69
C SER B 343 29.60 9.87 9.18
N TRP B 344 30.61 9.79 8.31
CA TRP B 344 31.95 10.32 8.60
C TRP B 344 32.54 11.06 7.40
N MET B 345 33.48 11.95 7.68
CA MET B 345 34.20 12.65 6.63
C MET B 345 35.37 13.46 7.16
N LYS B 346 36.18 13.99 6.24
CA LYS B 346 37.30 14.85 6.59
C LYS B 346 37.51 15.97 5.57
N ASP B 347 37.37 17.21 6.03
CA ASP B 347 37.64 18.40 5.22
C ASP B 347 36.79 18.47 3.94
N GLY B 348 35.48 18.56 4.12
CA GLY B 348 34.56 18.70 2.99
C GLY B 348 34.45 17.47 2.12
N LYS B 349 35.29 16.47 2.39
CA LYS B 349 35.33 15.25 1.61
C LYS B 349 34.83 14.04 2.40
N ALA B 350 33.84 13.34 1.84
CA ALA B 350 33.34 12.12 2.45
C ALA B 350 34.37 11.01 2.31
N ILE B 351 34.60 10.27 3.41
CA ILE B 351 35.65 9.25 3.43
C ILE B 351 35.14 7.84 3.16
N GLY B 352 34.34 7.29 4.06
CA GLY B 352 33.76 5.97 3.86
C GLY B 352 33.41 5.20 5.12
N HIS B 353 34.02 5.57 6.24
CA HIS B 353 33.75 4.94 7.52
C HIS B 353 32.37 5.36 8.05
N SER B 354 31.61 4.41 8.58
CA SER B 354 30.28 4.70 9.11
C SER B 354 30.01 3.98 10.44
N GLU B 355 30.80 4.31 11.46
CA GLU B 355 30.59 3.76 12.80
C GLU B 355 31.04 4.73 13.89
N SER B 356 30.75 4.39 15.15
CA SER B 356 30.96 5.27 16.30
C SER B 356 32.34 5.93 16.40
N VAL B 357 33.39 5.14 16.53
CA VAL B 357 34.74 5.68 16.71
C VAL B 357 35.58 5.57 15.45
N LEU B 358 36.07 6.72 14.98
CA LEU B 358 36.94 6.72 13.81
C LEU B 358 38.36 6.42 14.27
N ARG B 359 39.08 5.62 13.49
CA ARG B 359 40.49 5.37 13.75
C ARG B 359 41.26 4.92 12.50
N ILE B 360 42.33 5.63 12.20
CA ILE B 360 43.31 5.20 11.20
C ILE B 360 44.62 4.93 11.93
N GLU B 361 44.95 3.65 12.07
CA GLU B 361 46.00 3.19 12.98
C GLU B 361 47.38 3.79 12.71
N SER B 362 47.64 4.15 11.46
CA SER B 362 48.91 4.78 11.12
C SER B 362 48.69 6.14 10.49
N VAL B 363 48.98 7.19 11.26
CA VAL B 363 48.73 8.56 10.81
C VAL B 363 49.69 8.94 9.67
N LYS B 364 49.40 10.07 9.04
CA LYS B 364 50.15 10.53 7.87
C LYS B 364 50.18 12.06 7.87
N LYS B 365 50.76 12.64 6.83
CA LYS B 365 50.73 14.09 6.69
C LYS B 365 49.36 14.51 6.15
N GLU B 366 48.94 13.90 5.06
CA GLU B 366 47.63 14.19 4.47
C GLU B 366 46.51 13.53 5.29
N ASP B 367 46.86 13.03 6.48
CA ASP B 367 45.89 12.45 7.39
C ASP B 367 45.65 13.31 8.62
N LYS B 368 45.60 14.63 8.43
CA LYS B 368 45.23 15.54 9.52
C LYS B 368 44.35 16.70 9.03
N GLY B 369 43.39 17.11 9.86
CA GLY B 369 42.48 18.18 9.52
C GLY B 369 41.24 18.15 10.39
N MET B 370 40.07 18.22 9.78
CA MET B 370 38.83 18.16 10.54
C MET B 370 38.01 16.93 10.16
N TYR B 371 37.52 16.22 11.17
CA TYR B 371 36.73 15.01 10.97
C TYR B 371 35.38 15.19 11.65
N GLN B 372 34.32 14.83 10.93
CA GLN B 372 32.97 15.10 11.41
C GLN B 372 32.06 13.87 11.28
N CYS B 373 31.31 13.58 12.35
CA CYS B 373 30.25 12.58 12.33
C CYS B 373 29.01 13.27 11.77
N PHE B 374 28.12 12.51 11.14
CA PHE B 374 26.87 13.06 10.59
C PHE B 374 25.64 12.21 10.95
N VAL B 375 24.98 12.54 12.05
CA VAL B 375 23.86 11.72 12.54
C VAL B 375 22.55 12.04 11.84
N ARG B 376 22.43 11.61 10.59
CA ARG B 376 21.24 11.90 9.77
C ARG B 376 19.97 11.17 10.18
N ASN B 377 19.08 11.06 9.21
CA ASN B 377 17.77 10.38 9.31
C ASN B 377 16.92 10.94 8.17
N ASP B 378 15.64 10.60 8.15
CA ASP B 378 14.77 10.94 7.02
C ASP B 378 14.23 12.38 6.99
N ARG B 379 13.87 12.91 8.15
CA ARG B 379 13.31 14.27 8.20
C ARG B 379 14.12 15.17 9.12
N GLU B 380 15.45 15.02 9.08
CA GLU B 380 16.37 15.86 9.86
C GLU B 380 17.82 15.43 9.73
N SER B 381 18.67 15.96 10.62
CA SER B 381 20.10 15.62 10.72
C SER B 381 20.87 16.56 11.67
N ALA B 382 21.75 15.99 12.49
CA ALA B 382 22.67 16.78 13.32
C ALA B 382 24.11 16.43 12.94
N GLU B 383 25.08 17.24 13.38
CA GLU B 383 26.49 17.02 13.05
C GLU B 383 27.50 17.21 14.19
N ALA B 384 28.67 16.62 14.02
CA ALA B 384 29.73 16.67 15.02
C ALA B 384 30.99 17.27 14.40
N SER B 385 32.10 17.29 15.14
CA SER B 385 33.34 17.89 14.65
C SER B 385 34.58 17.49 15.45
N ALA B 386 35.70 17.35 14.74
CA ALA B 386 36.99 17.03 15.35
C ALA B 386 38.16 17.46 14.45
N GLU B 387 39.21 18.00 15.05
CA GLU B 387 40.38 18.43 14.29
C GLU B 387 41.62 17.63 14.70
N LEU B 388 42.55 17.47 13.77
CA LEU B 388 43.77 16.71 14.03
C LEU B 388 45.03 17.57 13.93
N LYS B 389 45.37 18.23 15.03
CA LYS B 389 46.65 18.90 15.17
C LYS B 389 47.74 17.82 15.20
N LEU B 390 49.00 18.23 15.08
CA LEU B 390 50.06 17.22 14.97
C LEU B 390 51.24 17.51 15.88
N GLY B 391 52.21 16.58 15.88
CA GLY B 391 53.41 16.70 16.68
C GLY B 391 54.61 17.14 15.87
C1 NAG C . -18.98 -31.21 7.27
C2 NAG C . -20.01 -32.13 7.87
C3 NAG C . -21.29 -31.35 8.02
C4 NAG C . -21.08 -30.10 8.85
C5 NAG C . -19.66 -29.48 8.85
C6 NAG C . -19.16 -29.25 10.29
C7 NAG C . -19.41 -34.36 7.07
C8 NAG C . -18.72 -34.62 8.38
N2 NAG C . -20.21 -33.29 7.01
O3 NAG C . -22.24 -32.18 8.64
O4 NAG C . -22.02 -29.15 8.41
O5 NAG C . -18.61 -30.20 8.18
O6 NAG C . -19.23 -27.89 10.66
O7 NAG C . -19.23 -35.10 6.10
C1 NAG D . -23.04 -29.49 10.89
C2 NAG D . -23.88 -28.24 10.64
C3 NAG D . -25.19 -28.36 11.42
C4 NAG D . -25.89 -29.71 11.13
C5 NAG D . -24.98 -30.89 10.77
C6 NAG D . -25.69 -31.79 9.76
C7 NAG D . -22.74 -26.14 10.15
C8 NAG D . -22.91 -24.72 10.56
N2 NAG D . -23.12 -27.07 11.03
O3 NAG D . -26.04 -27.28 11.10
O4 NAG D . -26.67 -30.07 12.26
O5 NAG D . -23.70 -30.55 10.24
O6 NAG D . -24.82 -32.73 9.15
O7 NAG D . -22.28 -26.43 9.05
C1 NAG E . -25.29 -25.40 13.75
C2 NAG E . -25.58 -24.13 12.94
C3 NAG E . -27.02 -23.64 13.12
C4 NAG E . -27.88 -24.53 14.02
C5 NAG E . -27.56 -26.03 14.03
C6 NAG E . -28.62 -26.90 13.32
C7 NAG E . -24.26 -22.15 12.46
C8 NAG E . -22.81 -21.73 12.56
N2 NAG E . -24.65 -23.10 13.32
O3 NAG E . -27.63 -23.42 11.86
O4 NAG E . -27.83 -24.04 15.34
O5 NAG E . -26.28 -26.38 13.55
O6 NAG E . -28.32 -28.27 13.51
O7 NAG E . -25.02 -21.66 11.65
C1 NAG F . -7.99 17.95 -14.73
C2 NAG F . -7.31 19.26 -14.99
C3 NAG F . -5.82 18.96 -14.99
C4 NAG F . -5.38 18.28 -13.70
C5 NAG F . -6.44 17.39 -13.03
C6 NAG F . -6.32 17.59 -11.53
C7 NAG F . -8.65 20.80 -16.32
C8 NAG F . -9.51 21.01 -15.10
N2 NAG F . -7.77 19.80 -16.26
O3 NAG F . -5.05 20.14 -15.15
O4 NAG F . -4.23 17.49 -13.97
O5 NAG F . -7.79 17.64 -13.38
O6 NAG F . -7.06 16.60 -10.88
O7 NAG F . -8.77 21.52 -17.31
C1 GOL G . -11.78 12.89 5.55
O1 GOL G . -11.23 13.26 6.80
C2 GOL G . -13.23 13.35 5.48
O2 GOL G . -13.64 13.66 6.79
C3 GOL G . -14.09 12.22 4.92
O3 GOL G . -15.42 12.67 4.80
C1 NAG H . 4.69 36.64 -4.58
C2 NAG H . 4.39 38.09 -4.94
C3 NAG H . 2.94 38.34 -4.59
C4 NAG H . 2.02 37.35 -5.29
C5 NAG H . 2.60 35.96 -5.63
C6 NAG H . 2.35 35.65 -7.10
C7 NAG H . 6.48 39.30 -4.65
C8 NAG H . 6.73 39.20 -6.14
N2 NAG H . 5.26 38.99 -4.22
O3 NAG H . 2.63 39.66 -4.98
O4 NAG H . 0.88 37.21 -4.45
O5 NAG H . 3.98 35.74 -5.41
O6 NAG H . 1.29 34.72 -7.28
O7 NAG H . 7.39 39.64 -3.88
C1 NAG I . -0.40 38.42 -6.51
C2 NAG I . -1.69 37.98 -5.85
C3 NAG I . -2.77 39.01 -6.16
C4 NAG I . -2.30 40.44 -5.83
C5 NAG I . -0.79 40.71 -5.94
C6 NAG I . -0.39 41.73 -4.86
C7 NAG I . -2.11 35.61 -5.49
C8 NAG I . -3.27 34.68 -5.67
N2 NAG I . -2.05 36.66 -6.32
O3 NAG I . -3.95 38.70 -5.45
O4 NAG I . -2.96 41.37 -6.67
O5 NAG I . 0.04 39.55 -5.81
O6 NAG I . 1.01 41.80 -4.67
O7 NAG I . -1.27 35.41 -4.62
C1 NAG J . -5.52 37.12 -8.00
C2 NAG J . -6.26 36.26 -6.97
C3 NAG J . -7.64 36.83 -6.63
C4 NAG J . -7.94 38.18 -7.30
C5 NAG J . -6.75 39.12 -7.61
C6 NAG J . -6.71 40.34 -6.70
C7 NAG J . -6.47 33.86 -6.71
C8 NAG J . -5.78 32.61 -7.20
N2 NAG J . -6.42 34.92 -7.50
O3 NAG J . -7.80 36.91 -5.22
O4 NAG J . -8.65 37.92 -8.49
O5 NAG J . -5.49 38.48 -7.60
O6 NAG J . -5.68 41.22 -7.13
O7 NAG J . -7.06 33.90 -5.63
C1 NAG K . -12.46 -10.15 18.59
C2 NAG K . -12.72 -11.62 18.78
C3 NAG K . -11.48 -12.35 18.28
C4 NAG K . -11.15 -11.95 16.84
C5 NAG K . -11.53 -10.53 16.43
C6 NAG K . -12.06 -10.60 15.01
C7 NAG K . -14.22 -12.09 20.62
C8 NAG K . -15.34 -11.54 19.78
N2 NAG K . -12.97 -11.88 20.18
O3 NAG K . -11.67 -13.75 18.33
O4 NAG K . -9.77 -12.13 16.64
O5 NAG K . -12.52 -9.89 17.22
O6 NAG K . -12.17 -9.28 14.49
O7 NAG K . -14.46 -12.69 21.67
C1 GOL L . -18.24 -1.43 0.11
O1 GOL L . -18.48 -1.92 -1.19
C2 GOL L . -19.53 -0.87 0.69
O2 GOL L . -20.44 -0.66 -0.38
C3 GOL L . -19.22 0.46 1.35
O3 GOL L . -20.40 0.97 1.93
#